data_7JZ4
#
_entry.id   7JZ4
#
_cell.length_a   80.932
_cell.length_b   81.099
_cell.length_c   111.561
_cell.angle_alpha   90.000
_cell.angle_beta   94.030
_cell.angle_gamma   90.000
#
_symmetry.space_group_name_H-M   'P 1 21 1'
#
loop_
_entity.id
_entity.type
_entity.pdbx_description
1 polymer 'MGD21 heavy chain'
2 polymer 'MGD21 light chain'
3 non-polymer 'PHOSPHATE ION'
4 non-polymer 2-acetamido-2-deoxy-beta-D-glucopyranose
5 water water
#
loop_
_entity_poly.entity_id
_entity_poly.type
_entity_poly.pdbx_seq_one_letter_code
_entity_poly.pdbx_strand_id
1 'polypeptide(L)'
;EVQLVETGPGLMKTSGTLSLTCAVSGDYVNTNRRWSWVRQAPGKGLEWIGEVHQSGRTNYNPSLKSRVTISVDKSKNQFS
LKVDSVTAADTAVYYCARASPLKSQRDTDLPRPSISAEPGTVIPLGSHVTFVCRGPVGVQTFRLERERNYLYSDTEDVSQ
TSPSESEARFRIDSVNAGNAGLFRCIYYKSRKWSEQSDYLELVVKGEDVTWALSQSQDDPRACPQGELPISTDIYYVDVW
GNGTTVTVSSASTKGPSVFPLAPSSKSTSGGTAALGCLVKDYFPEPVTVSWNSGALTSGVHTFPAVLQSSGLYSLSSVVT
VPSSSLGTQTYICNVNHKPSNTKVDKKAEPKSCDKGLEVLFQGP
;
A,C
2 'polypeptide(L)'
;AIRMTQSPSSLSASPGDKVSITCRASQHINDSLAWFQQRPGKAPKLLIYGASNLHSGVPSRFSGTGSGTDFTLTITGLQS
EDFATYFCQQCNCFPPDFGQGTRLEIKRTVAAPSVFIFPPSDEQLKSGTASVVCLLNNFYPREAKVQWKVDNALQSGNSQ
ESVTEQDSKDSTYSLSSTLTLSKADYEKHKVYACEVTHQGLSSPVTKSFNRGE
;
B,D
#
# COMPACT_ATOMS: atom_id res chain seq x y z
N GLU A 1 -35.06 15.56 8.85
CA GLU A 1 -34.77 16.92 9.28
C GLU A 1 -33.26 17.17 9.30
N VAL A 2 -32.60 16.72 10.36
CA VAL A 2 -31.16 16.92 10.53
C VAL A 2 -30.42 15.78 9.86
N GLN A 3 -29.28 16.11 9.25
CA GLN A 3 -28.48 15.15 8.52
C GLN A 3 -27.01 15.48 8.74
N LEU A 4 -26.22 14.47 9.05
CA LEU A 4 -24.78 14.61 9.21
C LEU A 4 -24.08 13.72 8.19
N VAL A 5 -23.17 14.28 7.41
CA VAL A 5 -22.37 13.47 6.49
C VAL A 5 -20.90 13.61 6.85
N GLU A 6 -20.19 12.48 6.85
CA GLU A 6 -18.76 12.46 7.14
C GLU A 6 -17.98 12.43 5.84
N THR A 7 -16.91 13.21 5.80
CA THR A 7 -15.96 13.20 4.69
C THR A 7 -14.57 12.99 5.25
N GLY A 8 -13.78 12.19 4.54
CA GLY A 8 -12.41 11.96 4.89
C GLY A 8 -11.75 11.07 3.87
N PRO A 9 -10.52 10.63 4.15
CA PRO A 9 -9.84 9.74 3.21
C PRO A 9 -10.42 8.34 3.29
N GLY A 10 -10.57 7.71 2.13
CA GLY A 10 -11.00 6.33 2.11
C GLY A 10 -9.87 5.45 2.61
N LEU A 11 -8.73 5.58 1.96
CA LEU A 11 -7.49 4.94 2.39
C LEU A 11 -6.54 5.99 2.93
N MET A 12 -5.92 5.69 4.06
CA MET A 12 -4.87 6.52 4.64
C MET A 12 -3.67 5.64 4.95
N LYS A 13 -2.48 6.21 4.79
CA LYS A 13 -1.26 5.49 5.11
C LYS A 13 -1.02 5.48 6.63
N THR A 14 -0.41 4.38 7.09
CA THR A 14 -0.03 4.25 8.50
C THR A 14 0.80 5.45 8.96
N SER A 15 0.76 5.68 10.27
CA SER A 15 1.58 6.64 11.01
C SER A 15 1.27 8.10 10.68
N GLY A 16 0.19 8.38 9.96
CA GLY A 16 -0.15 9.74 9.56
C GLY A 16 -1.34 10.29 10.32
N THR A 17 -1.49 11.62 10.24
CA THR A 17 -2.58 12.31 10.90
C THR A 17 -3.89 12.09 10.14
N LEU A 18 -4.83 11.39 10.77
CA LEU A 18 -6.14 11.17 10.16
C LEU A 18 -7.04 12.35 10.48
N SER A 19 -7.69 12.89 9.46
CA SER A 19 -8.58 14.03 9.59
C SER A 19 -9.89 13.72 8.90
N LEU A 20 -10.99 13.81 9.65
CA LEU A 20 -12.32 13.70 9.10
C LEU A 20 -13.11 14.95 9.47
N THR A 21 -14.00 15.37 8.58
CA THR A 21 -14.92 16.44 8.91
C THR A 21 -16.34 15.93 8.79
N CYS A 22 -17.23 16.50 9.61
CA CYS A 22 -18.65 16.21 9.60
C CYS A 22 -19.36 17.49 9.20
N ALA A 23 -20.14 17.40 8.13
CA ALA A 23 -21.00 18.49 7.64
C ALA A 23 -22.41 18.30 8.18
N VAL A 24 -22.89 19.31 8.90
CA VAL A 24 -24.20 19.30 9.52
C VAL A 24 -25.17 20.09 8.64
N SER A 25 -26.33 19.49 8.38
CA SER A 25 -27.34 20.05 7.48
C SER A 25 -28.68 19.99 8.18
N GLY A 26 -29.36 21.13 8.25
CA GLY A 26 -30.64 21.20 8.93
C GLY A 26 -30.56 21.48 10.41
N ASP A 27 -29.40 21.89 10.90
CA ASP A 27 -29.26 22.36 12.27
C ASP A 27 -27.99 23.18 12.34
N TYR A 28 -27.97 24.12 13.28
CA TYR A 28 -26.80 24.96 13.49
C TYR A 28 -25.93 24.36 14.58
N VAL A 29 -24.60 24.41 14.38
CA VAL A 29 -23.72 23.80 15.35
C VAL A 29 -23.61 24.63 16.62
N ASN A 30 -23.89 25.94 16.53
CA ASN A 30 -23.86 26.80 17.71
C ASN A 30 -25.20 26.75 18.43
N THR A 31 -25.53 25.55 18.91
CA THR A 31 -26.70 25.35 19.76
C THR A 31 -26.28 24.42 20.89
N ASN A 32 -27.21 24.17 21.82
CA ASN A 32 -26.92 23.35 23.00
C ASN A 32 -27.00 21.87 22.62
N ARG A 33 -26.01 21.43 21.86
CA ARG A 33 -25.76 20.01 21.62
C ARG A 33 -24.30 19.73 21.89
N ARG A 34 -23.96 18.44 21.89
CA ARG A 34 -22.57 17.98 21.96
C ARG A 34 -22.30 17.18 20.71
N TRP A 35 -21.40 17.66 19.85
CA TRP A 35 -21.10 16.98 18.61
C TRP A 35 -19.99 15.99 18.86
N SER A 36 -20.23 14.72 18.54
CA SER A 36 -19.39 13.64 18.99
C SER A 36 -18.84 12.84 17.81
N TRP A 37 -17.79 12.07 18.10
CA TRP A 37 -17.29 11.04 17.20
C TRP A 37 -17.27 9.70 17.91
N VAL A 38 -17.73 8.68 17.20
CA VAL A 38 -17.84 7.31 17.68
C VAL A 38 -17.22 6.42 16.61
N ARG A 39 -16.56 5.34 17.03
CA ARG A 39 -15.77 4.52 16.14
C ARG A 39 -16.19 3.05 16.26
N GLN A 40 -16.18 2.34 15.14
CA GLN A 40 -16.49 0.91 15.15
C GLN A 40 -15.49 0.17 14.29
N ALA A 41 -14.61 -0.62 14.94
CA ALA A 41 -13.70 -1.48 14.21
C ALA A 41 -14.49 -2.54 13.44
N PRO A 42 -13.89 -3.15 12.42
CA PRO A 42 -14.59 -4.22 11.69
C PRO A 42 -15.04 -5.34 12.63
N GLY A 43 -16.36 -5.47 12.80
CA GLY A 43 -16.95 -6.48 13.65
C GLY A 43 -16.49 -6.50 15.09
N LYS A 44 -16.46 -5.33 15.76
CA LYS A 44 -16.07 -5.29 17.17
C LYS A 44 -16.95 -4.38 18.03
N GLY A 45 -17.87 -3.63 17.46
CA GLY A 45 -18.80 -2.85 18.27
C GLY A 45 -18.37 -1.41 18.42
N LEU A 46 -19.14 -0.69 19.23
CA LEU A 46 -19.05 0.76 19.31
C LEU A 46 -18.00 1.21 20.33
N GLU A 47 -17.20 2.18 19.92
CA GLU A 47 -16.26 2.86 20.80
C GLU A 47 -16.43 4.36 20.61
N TRP A 48 -16.64 5.06 21.71
CA TRP A 48 -16.91 6.50 21.69
C TRP A 48 -15.58 7.24 21.66
N ILE A 49 -15.42 8.14 20.69
CA ILE A 49 -14.16 8.85 20.50
C ILE A 49 -14.16 10.12 21.35
N GLY A 50 -15.13 10.97 21.17
CA GLY A 50 -15.14 12.20 21.96
C GLY A 50 -16.32 13.07 21.61
N GLU A 51 -16.30 14.28 22.16
CA GLU A 51 -17.37 15.24 21.95
C GLU A 51 -16.81 16.65 22.05
N VAL A 52 -17.54 17.59 21.47
CA VAL A 52 -17.26 19.01 21.55
C VAL A 52 -18.54 19.69 22.02
N HIS A 53 -18.38 20.69 22.88
CA HIS A 53 -19.50 21.40 23.47
C HIS A 53 -19.62 22.79 22.85
N GLN A 54 -20.80 23.38 23.01
CA GLN A 54 -21.05 24.72 22.47
C GLN A 54 -20.03 25.72 22.97
N SER A 55 -19.58 25.59 24.22
CA SER A 55 -18.61 26.52 24.76
C SER A 55 -17.22 26.32 24.17
N GLY A 56 -17.02 25.29 23.39
CA GLY A 56 -15.70 24.95 22.89
C GLY A 56 -15.00 23.87 23.68
N ARG A 57 -15.52 23.53 24.85
CA ARG A 57 -14.95 22.44 25.63
C ARG A 57 -15.06 21.13 24.86
N THR A 58 -13.98 20.36 24.87
CA THR A 58 -13.93 19.05 24.26
C THR A 58 -13.70 17.99 25.33
N ASN A 59 -14.11 16.77 25.03
CA ASN A 59 -13.90 15.65 25.95
C ASN A 59 -13.54 14.42 25.13
N TYR A 60 -12.48 13.73 25.54
CA TYR A 60 -11.97 12.60 24.80
C TYR A 60 -11.93 11.35 25.67
N ASN A 61 -12.25 10.22 25.07
CA ASN A 61 -12.07 8.94 25.73
C ASN A 61 -10.61 8.80 26.16
N PRO A 62 -10.33 8.60 27.45
CA PRO A 62 -8.93 8.53 27.90
C PRO A 62 -8.11 7.44 27.25
N SER A 63 -8.71 6.57 26.44
CA SER A 63 -7.92 5.60 25.68
C SER A 63 -7.12 6.31 24.59
N LEU A 64 -7.71 7.34 23.98
CA LEU A 64 -7.08 8.05 22.87
C LEU A 64 -6.81 9.51 23.13
N LYS A 65 -7.10 10.02 24.34
CA LYS A 65 -6.91 11.43 24.64
C LYS A 65 -5.54 11.94 24.19
N SER A 66 -4.53 11.06 24.17
CA SER A 66 -3.23 11.47 23.68
C SER A 66 -3.28 11.88 22.21
N ARG A 67 -4.10 11.20 21.40
CA ARG A 67 -4.02 11.36 19.94
C ARG A 67 -5.17 12.13 19.30
N VAL A 68 -6.22 12.48 20.05
CA VAL A 68 -7.43 13.01 19.43
C VAL A 68 -7.54 14.51 19.67
N THR A 69 -8.17 15.19 18.71
CA THR A 69 -8.52 16.60 18.81
C THR A 69 -9.80 16.83 18.04
N ILE A 70 -10.77 17.48 18.69
CA ILE A 70 -12.06 17.79 18.10
C ILE A 70 -12.18 19.30 17.99
N SER A 71 -12.64 19.79 16.84
CA SER A 71 -12.85 21.22 16.71
C SER A 71 -14.13 21.50 15.95
N VAL A 72 -14.57 22.74 16.01
CA VAL A 72 -15.80 23.19 15.37
C VAL A 72 -15.48 24.39 14.49
N ASP A 73 -16.06 24.43 13.30
CA ASP A 73 -16.11 25.65 12.49
C ASP A 73 -17.58 26.03 12.32
N LYS A 74 -17.97 27.12 13.00
CA LYS A 74 -19.35 27.58 12.99
C LYS A 74 -19.74 28.16 11.63
N SER A 75 -18.79 28.80 10.94
CA SER A 75 -19.10 29.47 9.69
C SER A 75 -19.69 28.51 8.66
N LYS A 76 -19.02 27.38 8.43
CA LYS A 76 -19.51 26.37 7.50
C LYS A 76 -20.37 25.31 8.16
N ASN A 77 -20.67 25.43 9.45
CA ASN A 77 -21.53 24.46 10.16
C ASN A 77 -20.93 23.05 10.14
N GLN A 78 -19.62 22.95 10.39
CA GLN A 78 -18.95 21.66 10.37
C GLN A 78 -18.18 21.45 11.67
N PHE A 79 -17.82 20.20 11.93
CA PHE A 79 -16.89 19.92 13.03
C PHE A 79 -16.00 18.76 12.63
N SER A 80 -14.76 18.79 13.11
CA SER A 80 -13.71 17.92 12.62
C SER A 80 -13.10 17.10 13.75
N LEU A 81 -12.56 15.95 13.36
CA LEU A 81 -11.81 15.05 14.21
C LEU A 81 -10.43 14.82 13.61
N LYS A 82 -9.40 14.93 14.43
CA LYS A 82 -8.02 14.70 14.02
C LYS A 82 -7.39 13.74 15.01
N VAL A 83 -6.95 12.58 14.52
CA VAL A 83 -6.28 11.59 15.36
C VAL A 83 -4.88 11.35 14.82
N ASP A 84 -3.88 11.49 15.69
CA ASP A 84 -2.48 11.47 15.30
C ASP A 84 -1.89 10.07 15.41
N SER A 85 -0.92 9.79 14.54
CA SER A 85 0.00 8.65 14.67
C SER A 85 -0.77 7.33 14.79
N VAL A 86 -1.43 6.98 13.69
CA VAL A 86 -2.39 5.88 13.70
C VAL A 86 -1.70 4.53 13.61
N THR A 87 -2.21 3.57 14.38
CA THR A 87 -1.92 2.16 14.25
C THR A 87 -2.88 1.57 13.22
N ALA A 88 -2.57 0.36 12.74
CA ALA A 88 -3.53 -0.35 11.90
C ALA A 88 -4.83 -0.64 12.63
N ALA A 89 -4.79 -0.70 13.97
CA ALA A 89 -5.99 -0.95 14.77
C ALA A 89 -6.95 0.24 14.76
N ASP A 90 -6.56 1.37 14.19
CA ASP A 90 -7.46 2.51 14.05
C ASP A 90 -8.31 2.41 12.79
N THR A 91 -8.09 1.40 11.95
CA THR A 91 -8.96 1.14 10.82
C THR A 91 -10.36 0.82 11.32
N ALA A 92 -11.35 1.53 10.79
CA ALA A 92 -12.70 1.39 11.33
C ALA A 92 -13.67 2.22 10.50
N VAL A 93 -14.95 2.06 10.80
CA VAL A 93 -15.96 2.99 10.32
C VAL A 93 -16.16 4.04 11.40
N TYR A 94 -16.03 5.31 11.01
CA TYR A 94 -16.16 6.44 11.93
C TYR A 94 -17.49 7.14 11.70
N TYR A 95 -18.20 7.40 12.80
CA TYR A 95 -19.48 8.08 12.80
C TYR A 95 -19.33 9.42 13.52
N CYS A 96 -19.93 10.46 12.96
CA CYS A 96 -20.19 11.66 13.75
C CYS A 96 -21.61 11.58 14.25
N ALA A 97 -21.85 12.14 15.43
CA ALA A 97 -23.15 12.05 16.06
C ALA A 97 -23.49 13.37 16.73
N ARG A 98 -24.79 13.59 16.91
CA ARG A 98 -25.28 14.74 17.65
C ARG A 98 -25.91 14.22 18.94
N ALA A 99 -25.33 14.59 20.07
CA ALA A 99 -25.87 14.26 21.38
C ALA A 99 -26.70 15.45 21.86
N SER A 100 -27.94 15.19 22.22
CA SER A 100 -28.87 16.24 22.58
C SER A 100 -29.50 15.94 23.93
N PRO A 101 -29.88 16.99 24.68
CA PRO A 101 -30.53 16.77 25.99
C PRO A 101 -32.00 16.40 25.82
N LEU A 102 -32.25 15.21 25.30
CA LEU A 102 -33.63 14.74 25.14
C LEU A 102 -34.36 14.80 26.47
N LYS A 103 -35.63 15.17 26.41
CA LYS A 103 -36.46 15.25 27.59
C LYS A 103 -37.73 14.46 27.35
N SER A 104 -38.23 13.81 28.40
CA SER A 104 -39.47 13.06 28.32
C SER A 104 -40.57 13.93 27.73
N GLN A 105 -41.27 13.40 26.74
CA GLN A 105 -42.30 14.15 26.03
C GLN A 105 -43.52 14.47 26.90
N ARG A 106 -43.35 14.23 28.20
CA ARG A 106 -44.11 14.92 29.22
C ARG A 106 -44.08 16.41 28.95
N ASP A 107 -45.18 17.11 29.26
CA ASP A 107 -45.13 18.57 29.26
C ASP A 107 -46.14 19.07 30.29
N THR A 108 -45.64 19.80 31.26
CA THR A 108 -46.47 20.44 32.27
C THR A 108 -46.68 21.93 31.98
N ASP A 109 -46.04 22.46 30.94
CA ASP A 109 -45.93 23.89 30.65
C ASP A 109 -45.19 24.60 31.78
N LEU A 110 -44.79 23.86 32.82
CA LEU A 110 -44.02 24.36 33.95
C LEU A 110 -43.04 23.26 34.34
N PRO A 111 -42.16 22.86 33.43
CA PRO A 111 -41.26 21.74 33.71
C PRO A 111 -40.08 22.21 34.54
N ARG A 112 -39.33 21.24 35.04
CA ARG A 112 -38.23 21.55 35.93
C ARG A 112 -37.05 22.10 35.14
N PRO A 113 -36.46 23.20 35.58
CA PRO A 113 -35.32 23.76 34.84
C PRO A 113 -34.07 22.93 35.06
N SER A 114 -33.06 23.21 34.23
CA SER A 114 -31.75 22.58 34.34
C SER A 114 -30.69 23.66 34.54
N ILE A 115 -29.57 23.26 35.11
CA ILE A 115 -28.43 24.15 35.31
C ILE A 115 -27.18 23.48 34.74
N SER A 116 -26.35 24.25 34.05
CA SER A 116 -25.10 23.74 33.50
C SER A 116 -23.96 24.71 33.79
N ALA A 117 -22.74 24.20 33.72
CA ALA A 117 -21.56 25.03 33.88
C ALA A 117 -20.73 25.02 32.60
N GLU A 118 -20.10 26.17 32.33
CA GLU A 118 -19.19 26.38 31.19
C GLU A 118 -18.05 27.21 31.75
N PRO A 119 -16.79 26.78 31.57
CA PRO A 119 -16.38 25.60 30.79
C PRO A 119 -16.61 24.27 31.49
N GLY A 120 -16.76 24.28 32.82
CA GLY A 120 -16.94 23.04 33.54
C GLY A 120 -17.23 23.30 35.00
N THR A 121 -17.25 22.23 35.79
CA THR A 121 -17.60 22.31 37.20
C THR A 121 -16.39 22.19 38.13
N VAL A 122 -15.18 22.00 37.60
CA VAL A 122 -13.95 22.14 38.38
C VAL A 122 -13.17 23.32 37.78
N ILE A 123 -13.08 24.38 38.52
CA ILE A 123 -12.53 25.67 38.03
C ILE A 123 -11.28 25.97 38.88
N PRO A 124 -10.16 26.33 38.26
CA PRO A 124 -9.00 26.78 39.05
C PRO A 124 -9.34 28.07 39.77
N LEU A 125 -8.72 28.25 40.93
CA LEU A 125 -8.95 29.47 41.72
C LEU A 125 -8.55 30.69 40.90
N GLY A 126 -9.47 31.66 40.80
CA GLY A 126 -9.23 32.89 40.09
C GLY A 126 -9.74 32.89 38.67
N SER A 127 -10.05 31.73 38.10
CA SER A 127 -10.58 31.63 36.76
C SER A 127 -12.10 31.80 36.78
N HIS A 128 -12.67 31.96 35.60
CA HIS A 128 -14.10 32.26 35.47
C HIS A 128 -14.92 30.99 35.28
N VAL A 129 -16.18 31.06 35.70
CA VAL A 129 -17.15 30.00 35.44
C VAL A 129 -18.49 30.68 35.16
N THR A 130 -19.29 30.04 34.31
CA THR A 130 -20.58 30.56 33.91
C THR A 130 -21.63 29.48 34.07
N PHE A 131 -22.71 29.80 34.77
CA PHE A 131 -23.86 28.93 34.89
C PHE A 131 -24.89 29.30 33.83
N VAL A 132 -25.49 28.28 33.22
CA VAL A 132 -26.50 28.44 32.20
C VAL A 132 -27.76 27.74 32.72
N CYS A 133 -28.74 28.54 33.14
CA CYS A 133 -30.05 28.03 33.54
C CYS A 133 -30.96 27.95 32.33
N ARG A 134 -31.61 26.81 32.16
CA ARG A 134 -32.48 26.62 31.01
C ARG A 134 -33.83 26.11 31.47
N GLY A 135 -34.88 26.60 30.84
CA GLY A 135 -36.22 26.18 31.13
C GLY A 135 -37.11 26.32 29.91
N PRO A 136 -38.42 26.37 30.13
CA PRO A 136 -39.36 26.49 28.99
C PRO A 136 -39.33 27.86 28.36
N VAL A 137 -40.13 28.06 27.33
CA VAL A 137 -40.24 29.36 26.68
C VAL A 137 -41.09 30.30 27.55
N GLY A 138 -40.84 31.60 27.41
CA GLY A 138 -41.64 32.57 28.14
C GLY A 138 -41.23 32.80 29.56
N VAL A 139 -40.01 32.38 29.95
CA VAL A 139 -39.56 32.56 31.32
C VAL A 139 -39.30 34.03 31.59
N GLN A 140 -39.91 34.56 32.65
CA GLN A 140 -39.78 35.97 32.96
C GLN A 140 -38.58 36.25 33.88
N THR A 141 -38.32 35.37 34.84
CA THR A 141 -37.16 35.55 35.72
C THR A 141 -36.42 34.24 35.84
N PHE A 142 -35.10 34.32 35.91
CA PHE A 142 -34.27 33.17 36.24
C PHE A 142 -33.48 33.53 37.50
N ARG A 143 -33.41 32.61 38.44
CA ARG A 143 -32.65 32.81 39.66
C ARG A 143 -31.69 31.66 39.85
N LEU A 144 -30.44 31.99 40.16
CA LEU A 144 -29.43 31.01 40.52
C LEU A 144 -29.26 31.02 42.02
N GLU A 145 -29.33 29.85 42.64
CA GLU A 145 -29.31 29.69 44.07
C GLU A 145 -28.09 28.87 44.49
N ARG A 146 -27.48 29.27 45.60
CA ARG A 146 -26.39 28.54 46.23
C ARG A 146 -26.86 27.98 47.57
N GLU A 147 -26.51 26.73 47.86
CA GLU A 147 -27.16 26.03 48.97
C GLU A 147 -26.59 26.47 50.31
N ARG A 148 -25.32 26.15 50.58
CA ARG A 148 -24.72 26.47 51.87
C ARG A 148 -24.28 27.92 51.87
N ASN A 149 -24.55 28.62 52.98
CA ASN A 149 -24.52 30.09 53.01
C ASN A 149 -25.39 30.64 51.89
N TYR A 150 -26.68 30.33 52.02
CA TYR A 150 -27.67 30.60 51.00
C TYR A 150 -27.66 32.04 50.52
N LEU A 151 -27.24 32.23 49.28
CA LEU A 151 -27.41 33.47 48.54
C LEU A 151 -27.99 33.12 47.17
N TYR A 152 -28.63 34.10 46.55
CA TYR A 152 -29.27 33.89 45.26
C TYR A 152 -29.06 35.12 44.38
N SER A 153 -29.32 34.95 43.09
CA SER A 153 -29.22 36.06 42.16
C SER A 153 -30.27 35.95 41.06
N ASP A 154 -31.01 37.03 40.86
CA ASP A 154 -32.03 37.13 39.84
C ASP A 154 -31.45 37.72 38.57
N THR A 155 -32.01 37.31 37.44
CA THR A 155 -31.70 37.89 36.15
C THR A 155 -32.97 37.84 35.31
N GLU A 156 -33.26 38.94 34.63
CA GLU A 156 -34.40 39.02 33.75
C GLU A 156 -34.02 39.07 32.28
N ASP A 157 -32.72 39.00 31.95
CA ASP A 157 -32.31 38.77 30.58
C ASP A 157 -32.52 37.28 30.29
N VAL A 158 -33.36 36.99 29.30
CA VAL A 158 -33.73 35.64 28.92
C VAL A 158 -33.91 35.64 27.41
N SER A 159 -33.29 34.69 26.74
CA SER A 159 -33.42 34.58 25.29
C SER A 159 -34.17 33.30 24.94
N GLN A 160 -35.08 33.42 23.98
CA GLN A 160 -35.57 32.24 23.29
C GLN A 160 -34.45 31.63 22.47
N THR A 161 -34.20 30.33 22.65
CA THR A 161 -33.34 29.59 21.76
C THR A 161 -34.09 28.68 20.82
N SER A 162 -35.30 28.25 21.21
CA SER A 162 -36.24 27.56 20.34
C SER A 162 -37.65 27.96 20.75
N PRO A 163 -38.70 27.51 20.03
CA PRO A 163 -40.07 27.79 20.50
C PRO A 163 -40.47 27.01 21.75
N SER A 164 -39.52 26.32 22.39
CA SER A 164 -39.85 25.58 23.61
C SER A 164 -38.80 25.67 24.71
N GLU A 165 -37.74 26.45 24.53
CA GLU A 165 -36.68 26.58 25.54
C GLU A 165 -36.33 28.06 25.70
N SER A 166 -35.83 28.40 26.87
CA SER A 166 -35.24 29.72 27.10
C SER A 166 -34.12 29.55 28.11
N GLU A 167 -33.16 30.48 28.10
CA GLU A 167 -31.98 30.30 28.92
C GLU A 167 -31.46 31.64 29.41
N ALA A 168 -30.65 31.57 30.47
CA ALA A 168 -30.08 32.74 31.11
C ALA A 168 -28.72 32.37 31.67
N ARG A 169 -27.84 33.36 31.77
CA ARG A 169 -26.44 33.12 32.12
C ARG A 169 -26.03 33.95 33.33
N PHE A 170 -25.24 33.34 34.21
CA PHE A 170 -24.65 34.03 35.35
C PHE A 170 -23.15 33.75 35.33
N ARG A 171 -22.34 34.80 35.25
CA ARG A 171 -20.90 34.65 35.12
C ARG A 171 -20.20 35.12 36.39
N ILE A 172 -19.42 34.22 36.99
CA ILE A 172 -18.47 34.57 38.03
C ILE A 172 -17.10 34.70 37.39
N ASP A 173 -16.52 35.91 37.45
CA ASP A 173 -15.31 36.20 36.68
C ASP A 173 -14.06 35.66 37.35
N SER A 174 -13.94 35.83 38.67
CA SER A 174 -12.79 35.33 39.42
C SER A 174 -13.32 34.52 40.59
N VAL A 175 -13.38 33.20 40.41
CA VAL A 175 -13.87 32.30 41.43
C VAL A 175 -12.88 32.24 42.59
N ASN A 176 -13.41 32.25 43.81
CA ASN A 176 -12.62 32.02 45.02
C ASN A 176 -13.10 30.74 45.72
N ALA A 177 -12.51 30.45 46.88
CA ALA A 177 -12.84 29.22 47.59
C ALA A 177 -14.30 29.22 48.04
N GLY A 178 -14.79 30.37 48.48
CA GLY A 178 -16.16 30.49 48.96
C GLY A 178 -17.22 30.38 47.89
N ASN A 179 -16.82 30.29 46.62
CA ASN A 179 -17.80 30.07 45.56
C ASN A 179 -18.10 28.60 45.34
N ALA A 180 -17.29 27.70 45.89
CA ALA A 180 -17.50 26.27 45.70
C ALA A 180 -18.71 25.79 46.49
N GLY A 181 -19.39 24.79 45.95
CA GLY A 181 -20.53 24.22 46.62
C GLY A 181 -21.62 23.86 45.64
N LEU A 182 -22.86 23.80 46.13
CA LEU A 182 -24.00 23.36 45.34
C LEU A 182 -24.74 24.54 44.75
N PHE A 183 -25.18 24.39 43.49
CA PHE A 183 -25.89 25.42 42.76
C PHE A 183 -27.11 24.83 42.08
N ARG A 184 -28.17 25.62 41.97
CA ARG A 184 -29.35 25.15 41.25
C ARG A 184 -30.11 26.36 40.75
N CYS A 185 -30.98 26.13 39.77
CA CYS A 185 -31.75 27.20 39.16
C CYS A 185 -33.22 27.06 39.52
N ILE A 186 -33.91 28.20 39.51
CA ILE A 186 -35.36 28.22 39.62
C ILE A 186 -35.85 29.41 38.82
N TYR A 187 -36.97 29.24 38.12
CA TYR A 187 -37.47 30.30 37.26
C TYR A 187 -38.87 30.75 37.66
N TYR A 188 -39.16 32.00 37.36
CA TYR A 188 -40.46 32.61 37.58
C TYR A 188 -41.14 32.85 36.26
N LYS A 189 -42.35 32.33 36.12
CA LYS A 189 -43.15 32.42 34.90
C LYS A 189 -44.61 32.21 35.28
N SER A 190 -45.54 32.83 34.55
CA SER A 190 -46.99 32.65 34.79
C SER A 190 -47.37 32.91 36.24
N ARG A 191 -46.78 33.93 36.87
CA ARG A 191 -47.16 34.39 38.20
C ARG A 191 -46.77 33.45 39.34
N LYS A 192 -45.90 32.47 39.12
CA LYS A 192 -45.44 31.63 40.23
C LYS A 192 -44.07 31.06 39.92
N TRP A 193 -43.35 30.71 40.98
CA TRP A 193 -42.05 30.08 40.85
C TRP A 193 -42.18 28.61 40.48
N SER A 194 -41.16 28.11 39.79
CA SER A 194 -41.14 26.74 39.33
C SER A 194 -40.55 25.82 40.40
N GLU A 195 -40.45 24.54 40.07
CA GLU A 195 -39.65 23.63 40.88
C GLU A 195 -38.18 24.03 40.79
N GLN A 196 -37.42 23.69 41.83
CA GLN A 196 -35.99 23.88 41.77
C GLN A 196 -35.35 22.86 40.84
N SER A 197 -34.26 23.26 40.19
CA SER A 197 -33.49 22.29 39.42
C SER A 197 -32.72 21.38 40.37
N ASP A 198 -32.22 20.27 39.83
CA ASP A 198 -31.29 19.45 40.58
C ASP A 198 -30.04 20.25 40.89
N TYR A 199 -29.27 19.76 41.87
CA TYR A 199 -28.05 20.45 42.26
C TYR A 199 -26.90 20.06 41.34
N LEU A 200 -26.06 21.04 41.03
CA LEU A 200 -24.77 20.83 40.38
C LEU A 200 -23.70 21.39 41.30
N GLU A 201 -22.71 20.58 41.63
CA GLU A 201 -21.62 21.04 42.49
C GLU A 201 -20.51 21.66 41.64
N LEU A 202 -20.04 22.82 42.06
CA LEU A 202 -18.87 23.46 41.49
C LEU A 202 -17.73 23.36 42.49
N VAL A 203 -16.60 22.80 42.04
CA VAL A 203 -15.41 22.63 42.85
C VAL A 203 -14.36 23.64 42.40
N VAL A 204 -13.61 24.18 43.36
CA VAL A 204 -12.53 25.11 43.10
C VAL A 204 -11.22 24.43 43.45
N LYS A 205 -10.24 24.52 42.55
CA LYS A 205 -8.95 23.86 42.72
C LYS A 205 -7.88 24.90 42.95
N GLY A 206 -7.06 24.69 43.98
CA GLY A 206 -6.00 25.62 44.34
C GLY A 206 -4.62 25.02 44.27
N GLU A 207 -3.64 25.67 44.89
CA GLU A 207 -2.26 25.20 44.86
C GLU A 207 -2.14 23.77 45.34
N ASP A 208 -2.64 23.50 46.55
CA ASP A 208 -2.65 22.14 47.09
C ASP A 208 -4.00 21.81 47.72
N VAL A 209 -5.06 22.52 47.33
CA VAL A 209 -6.36 22.40 47.98
C VAL A 209 -7.41 22.14 46.92
N THR A 210 -8.44 21.39 47.32
CA THR A 210 -9.64 21.20 46.53
C THR A 210 -10.83 21.46 47.42
N TRP A 211 -11.64 22.46 47.07
CA TRP A 211 -12.82 22.84 47.86
C TRP A 211 -14.03 22.14 47.26
N ALA A 212 -14.33 20.96 47.80
CA ALA A 212 -15.42 20.12 47.33
C ALA A 212 -16.17 19.55 48.52
N LEU A 213 -17.50 19.46 48.40
CA LEU A 213 -18.28 18.72 49.38
C LEU A 213 -17.78 17.29 49.47
N SER A 214 -18.01 16.63 50.61
CA SER A 214 -17.65 15.23 50.75
C SER A 214 -18.39 14.60 51.93
N ALA A 222 -22.48 9.21 43.26
CA ALA A 222 -22.25 9.79 41.94
C ALA A 222 -21.24 8.98 41.13
N CYS A 223 -20.47 9.69 40.30
CA CYS A 223 -19.69 9.08 39.23
C CYS A 223 -18.40 8.44 39.77
N PRO A 224 -17.75 7.61 38.94
CA PRO A 224 -16.42 7.07 39.31
C PRO A 224 -15.34 8.13 39.32
N GLN A 225 -14.07 7.71 39.31
CA GLN A 225 -12.96 8.39 39.96
C GLN A 225 -13.12 9.90 40.09
N GLY A 226 -13.33 10.59 38.98
CA GLY A 226 -13.57 12.01 39.03
C GLY A 226 -14.70 12.40 38.11
N GLU A 227 -14.44 13.37 37.24
CA GLU A 227 -15.30 13.66 36.11
C GLU A 227 -16.73 13.96 36.56
N LEU A 228 -16.85 14.99 37.40
CA LEU A 228 -18.16 15.42 37.83
C LEU A 228 -19.02 15.78 36.63
N PRO A 229 -20.35 15.62 36.73
CA PRO A 229 -21.21 16.09 35.66
C PRO A 229 -21.13 17.60 35.57
N ILE A 230 -21.30 18.12 34.35
CA ILE A 230 -21.30 19.56 34.13
C ILE A 230 -22.68 20.10 33.77
N SER A 231 -23.66 19.22 33.55
CA SER A 231 -25.04 19.64 33.43
C SER A 231 -25.92 18.64 34.18
N THR A 232 -27.08 19.11 34.63
CA THR A 232 -28.10 18.22 35.13
C THR A 232 -28.89 17.52 34.03
N ASP A 233 -28.63 17.87 32.77
CA ASP A 233 -29.28 17.21 31.65
C ASP A 233 -28.37 16.13 31.11
N ILE A 234 -28.93 14.98 30.81
CA ILE A 234 -28.22 13.90 30.17
C ILE A 234 -28.32 14.11 28.67
N TYR A 235 -27.19 13.99 27.97
CA TYR A 235 -27.16 14.15 26.52
C TYR A 235 -27.10 12.78 25.88
N TYR A 236 -28.10 12.47 25.05
CA TYR A 236 -28.15 11.24 24.29
C TYR A 236 -27.91 11.55 22.82
N VAL A 237 -27.22 10.65 22.13
CA VAL A 237 -26.98 10.87 20.70
C VAL A 237 -28.23 10.44 19.94
N ASP A 238 -28.93 11.41 19.37
CA ASP A 238 -30.18 11.15 18.68
C ASP A 238 -30.06 11.22 17.17
N VAL A 239 -28.86 11.52 16.66
CA VAL A 239 -28.62 11.63 15.22
C VAL A 239 -27.25 11.06 14.93
N TRP A 240 -27.20 9.98 14.13
CA TRP A 240 -25.97 9.40 13.65
C TRP A 240 -25.82 9.71 12.17
N GLY A 241 -24.59 9.96 11.74
CA GLY A 241 -24.29 9.95 10.32
C GLY A 241 -24.16 8.54 9.81
N ASN A 242 -24.20 8.38 8.49
CA ASN A 242 -24.04 7.05 7.92
C ASN A 242 -22.64 6.49 8.12
N GLY A 243 -21.69 7.29 8.58
CA GLY A 243 -20.36 6.81 8.85
C GLY A 243 -19.54 6.73 7.58
N THR A 244 -18.25 6.99 7.68
CA THR A 244 -17.32 6.74 6.59
C THR A 244 -16.29 5.73 7.04
N THR A 245 -16.01 4.76 6.18
CA THR A 245 -15.04 3.72 6.48
C THR A 245 -13.65 4.22 6.09
N VAL A 246 -12.73 4.20 7.05
CA VAL A 246 -11.34 4.54 6.78
C VAL A 246 -10.48 3.31 7.03
N THR A 247 -9.61 3.03 6.07
CA THR A 247 -8.66 1.93 6.11
C THR A 247 -7.27 2.51 6.22
N VAL A 248 -6.50 2.02 7.19
CA VAL A 248 -5.10 2.39 7.32
C VAL A 248 -4.27 1.12 7.25
N SER A 249 -3.22 1.16 6.42
CA SER A 249 -2.40 -0.02 6.19
C SER A 249 -1.10 0.41 5.53
N SER A 250 -0.01 -0.27 5.88
CA SER A 250 1.28 -0.06 5.23
C SER A 250 1.33 -0.93 3.98
N ALA A 251 0.66 -0.46 2.93
CA ALA A 251 0.55 -1.21 1.69
C ALA A 251 0.25 -0.24 0.55
N SER A 252 0.10 -0.79 -0.65
CA SER A 252 -0.17 0.00 -1.84
C SER A 252 -1.13 -0.77 -2.75
N THR A 253 -1.87 0.00 -3.55
CA THR A 253 -2.91 -0.57 -4.41
C THR A 253 -2.36 -1.68 -5.30
N LYS A 254 -3.02 -2.83 -5.27
CA LYS A 254 -2.52 -4.01 -5.96
C LYS A 254 -3.69 -4.83 -6.49
N GLY A 255 -3.55 -5.32 -7.73
CA GLY A 255 -4.55 -6.16 -8.33
C GLY A 255 -4.55 -7.56 -7.75
N PRO A 256 -5.70 -8.22 -7.78
CA PRO A 256 -5.80 -9.54 -7.16
C PRO A 256 -5.32 -10.64 -8.08
N SER A 257 -4.82 -11.72 -7.47
CA SER A 257 -4.55 -12.95 -8.19
C SER A 257 -5.78 -13.84 -8.09
N VAL A 258 -6.24 -14.35 -9.22
CA VAL A 258 -7.48 -15.14 -9.27
C VAL A 258 -7.14 -16.57 -9.61
N PHE A 259 -7.66 -17.51 -8.80
CA PHE A 259 -7.40 -18.92 -8.94
C PHE A 259 -8.72 -19.69 -8.99
N PRO A 260 -8.82 -20.75 -9.79
CA PRO A 260 -10.05 -21.53 -9.82
C PRO A 260 -10.09 -22.60 -8.76
N LEU A 261 -11.28 -22.79 -8.19
CA LEU A 261 -11.57 -23.89 -7.26
C LEU A 261 -12.55 -24.80 -8.01
N ALA A 262 -12.01 -25.85 -8.63
CA ALA A 262 -12.52 -26.90 -9.50
C ALA A 262 -12.97 -28.12 -8.69
N PRO A 263 -14.10 -28.72 -9.04
CA PRO A 263 -14.67 -29.76 -8.19
C PRO A 263 -14.19 -31.17 -8.47
N SER A 264 -12.89 -31.38 -8.69
CA SER A 264 -12.30 -32.72 -8.69
C SER A 264 -13.10 -33.67 -9.59
N SER A 265 -13.00 -33.45 -10.91
CA SER A 265 -14.05 -33.77 -11.88
C SER A 265 -14.96 -34.95 -11.54
N LYS A 266 -14.39 -36.11 -11.26
CA LYS A 266 -15.11 -37.21 -10.64
C LYS A 266 -14.66 -37.20 -9.18
N SER A 267 -15.59 -36.98 -8.25
CA SER A 267 -15.30 -36.86 -6.82
C SER A 267 -16.38 -37.55 -5.99
N THR A 268 -16.83 -38.73 -6.42
CA THR A 268 -17.96 -39.42 -5.80
C THR A 268 -19.16 -38.48 -5.69
N SER A 269 -19.27 -37.57 -6.64
CA SER A 269 -20.22 -36.48 -6.54
C SER A 269 -21.65 -37.00 -6.68
N GLY A 270 -22.55 -36.46 -5.86
CA GLY A 270 -23.94 -36.84 -5.90
C GLY A 270 -24.78 -35.92 -6.76
N GLY A 271 -25.86 -35.38 -6.19
CA GLY A 271 -26.81 -34.63 -6.99
C GLY A 271 -26.31 -33.25 -7.37
N THR A 272 -25.66 -32.54 -6.45
CA THR A 272 -25.24 -31.17 -6.67
C THR A 272 -23.72 -31.07 -6.66
N ALA A 273 -23.21 -30.01 -7.29
CA ALA A 273 -21.79 -29.74 -7.37
C ALA A 273 -21.51 -28.32 -6.92
N ALA A 274 -20.27 -28.05 -6.53
CA ALA A 274 -19.83 -26.72 -6.14
C ALA A 274 -18.55 -26.37 -6.89
N LEU A 275 -18.40 -25.08 -7.21
CA LEU A 275 -17.15 -24.58 -7.76
C LEU A 275 -17.07 -23.09 -7.52
N GLY A 276 -15.85 -22.58 -7.33
CA GLY A 276 -15.66 -21.19 -6.96
C GLY A 276 -14.43 -20.57 -7.59
N CYS A 277 -14.24 -19.29 -7.27
CA CYS A 277 -13.06 -18.50 -7.60
C CYS A 277 -12.46 -17.99 -6.31
N LEU A 278 -11.14 -17.99 -6.24
CA LEU A 278 -10.38 -17.54 -5.09
C LEU A 278 -9.62 -16.29 -5.50
N VAL A 279 -10.05 -15.13 -5.00
CA VAL A 279 -9.34 -13.88 -5.24
C VAL A 279 -8.43 -13.62 -4.04
N LYS A 280 -7.15 -13.39 -4.32
CA LYS A 280 -6.14 -13.43 -3.28
C LYS A 280 -5.22 -12.23 -3.40
N ASP A 281 -4.88 -11.64 -2.24
CA ASP A 281 -3.83 -10.64 -2.11
C ASP A 281 -4.10 -9.41 -2.98
N TYR A 282 -5.15 -8.69 -2.61
CA TYR A 282 -5.50 -7.40 -3.19
C TYR A 282 -5.66 -6.39 -2.07
N PHE A 283 -5.07 -5.19 -2.25
CA PHE A 283 -5.07 -4.22 -1.15
C PHE A 283 -6.36 -3.43 -0.98
N PRO A 284 -6.82 -2.65 -1.96
CA PRO A 284 -7.97 -1.77 -1.70
C PRO A 284 -9.24 -2.59 -1.57
N GLU A 285 -10.00 -2.30 -0.50
CA GLU A 285 -10.98 -3.25 0.01
C GLU A 285 -12.06 -3.70 -0.98
N PRO A 286 -12.72 -2.82 -1.74
CA PRO A 286 -13.89 -3.27 -2.52
C PRO A 286 -13.49 -3.99 -3.80
N VAL A 287 -14.11 -5.16 -4.01
CA VAL A 287 -13.96 -5.93 -5.25
C VAL A 287 -15.32 -6.55 -5.58
N THR A 288 -15.74 -6.46 -6.83
CA THR A 288 -17.03 -7.03 -7.23
C THR A 288 -16.80 -8.33 -7.99
N VAL A 289 -17.54 -9.37 -7.59
CA VAL A 289 -17.49 -10.68 -8.21
C VAL A 289 -18.90 -11.05 -8.67
N SER A 290 -19.09 -11.08 -9.99
CA SER A 290 -20.31 -11.61 -10.58
C SER A 290 -19.93 -12.74 -11.53
N TRP A 291 -20.80 -13.74 -11.64
CA TRP A 291 -20.51 -14.92 -12.44
C TRP A 291 -21.29 -14.86 -13.75
N ASN A 292 -20.60 -15.17 -14.85
CA ASN A 292 -21.16 -15.07 -16.20
C ASN A 292 -21.73 -13.68 -16.48
N SER A 293 -21.10 -12.67 -15.87
CA SER A 293 -21.45 -11.26 -16.03
C SER A 293 -22.89 -10.96 -15.65
N GLY A 294 -23.52 -11.80 -14.84
CA GLY A 294 -24.85 -11.52 -14.35
C GLY A 294 -25.87 -12.62 -14.62
N ALA A 295 -25.66 -13.42 -15.67
CA ALA A 295 -26.63 -14.45 -16.04
C ALA A 295 -26.75 -15.54 -14.99
N LEU A 296 -25.81 -15.61 -14.04
CA LEU A 296 -25.80 -16.62 -12.99
C LEU A 296 -26.06 -15.92 -11.66
N THR A 297 -27.26 -16.14 -11.11
CA THR A 297 -27.71 -15.42 -9.93
C THR A 297 -27.95 -16.30 -8.72
N SER A 298 -28.74 -17.36 -8.86
CA SER A 298 -29.21 -18.13 -7.71
C SER A 298 -28.20 -19.20 -7.34
N GLY A 299 -27.74 -19.17 -6.08
CA GLY A 299 -26.80 -20.14 -5.57
C GLY A 299 -25.40 -19.64 -5.34
N VAL A 300 -25.09 -18.38 -5.72
CA VAL A 300 -23.77 -17.82 -5.46
C VAL A 300 -23.64 -17.43 -4.00
N HIS A 301 -22.42 -17.58 -3.47
CA HIS A 301 -22.11 -17.19 -2.10
C HIS A 301 -20.67 -16.68 -2.11
N THR A 302 -20.49 -15.37 -2.03
CA THR A 302 -19.17 -14.78 -1.96
C THR A 302 -18.94 -14.28 -0.54
N PHE A 303 -17.81 -14.67 0.03
CA PHE A 303 -17.49 -14.55 1.44
C PHE A 303 -16.80 -13.23 1.74
N PRO A 304 -16.87 -12.76 2.98
CA PRO A 304 -16.17 -11.53 3.35
C PRO A 304 -14.66 -11.69 3.21
N ALA A 305 -14.01 -10.58 2.89
CA ALA A 305 -12.55 -10.57 2.85
C ALA A 305 -11.97 -10.86 4.22
N VAL A 306 -10.72 -11.30 4.23
CA VAL A 306 -9.99 -11.58 5.47
C VAL A 306 -8.67 -10.84 5.41
N LEU A 307 -8.33 -10.13 6.48
CA LEU A 307 -7.10 -9.34 6.53
C LEU A 307 -6.00 -10.22 7.11
N GLN A 308 -5.14 -10.75 6.23
CA GLN A 308 -3.98 -11.48 6.70
C GLN A 308 -2.87 -10.50 7.10
N SER A 309 -1.90 -11.01 7.86
CA SER A 309 -0.75 -10.20 8.23
C SER A 309 0.03 -9.69 7.03
N SER A 310 -0.29 -10.17 5.83
CA SER A 310 0.23 -9.59 4.60
C SER A 310 -0.23 -8.16 4.38
N GLY A 311 -1.16 -7.66 5.18
CA GLY A 311 -1.77 -6.38 4.92
C GLY A 311 -2.70 -6.36 3.73
N LEU A 312 -2.90 -7.50 3.08
CA LEU A 312 -3.73 -7.62 1.90
C LEU A 312 -4.94 -8.48 2.22
N TYR A 313 -5.95 -8.38 1.36
CA TYR A 313 -7.20 -9.10 1.56
C TYR A 313 -7.28 -10.27 0.59
N SER A 314 -8.16 -11.21 0.92
CA SER A 314 -8.44 -12.35 0.06
C SER A 314 -9.80 -12.89 0.43
N LEU A 315 -10.58 -13.26 -0.58
CA LEU A 315 -11.88 -13.88 -0.36
C LEU A 315 -12.11 -14.93 -1.44
N SER A 316 -13.24 -15.62 -1.32
CA SER A 316 -13.68 -16.58 -2.31
C SER A 316 -15.13 -16.30 -2.66
N SER A 317 -15.51 -16.68 -3.87
CA SER A 317 -16.89 -16.66 -4.32
C SER A 317 -17.20 -18.03 -4.89
N VAL A 318 -18.37 -18.57 -4.55
CA VAL A 318 -18.70 -19.93 -4.94
C VAL A 318 -20.12 -19.99 -5.50
N VAL A 319 -20.32 -20.90 -6.45
CA VAL A 319 -21.64 -21.23 -6.98
C VAL A 319 -21.83 -22.73 -6.87
N THR A 320 -23.08 -23.14 -6.71
CA THR A 320 -23.44 -24.55 -6.75
C THR A 320 -24.34 -24.80 -7.95
N VAL A 321 -24.14 -25.94 -8.58
CA VAL A 321 -24.65 -26.22 -9.93
C VAL A 321 -25.19 -27.62 -9.99
N PRO A 322 -26.02 -27.92 -10.97
CA PRO A 322 -26.35 -29.32 -11.26
C PRO A 322 -25.09 -30.10 -11.61
N SER A 323 -24.94 -31.28 -11.02
CA SER A 323 -23.74 -32.09 -11.22
C SER A 323 -23.59 -32.59 -12.65
N SER A 324 -24.60 -32.43 -13.49
CA SER A 324 -24.53 -32.83 -14.89
C SER A 324 -24.05 -31.69 -15.79
N SER A 325 -23.81 -30.50 -15.24
CA SER A 325 -23.50 -29.30 -16.03
C SER A 325 -22.02 -29.16 -16.33
N LEU A 326 -21.29 -30.28 -16.41
CA LEU A 326 -19.87 -30.29 -16.74
C LEU A 326 -19.63 -29.61 -18.09
N GLY A 327 -20.12 -30.22 -19.16
CA GLY A 327 -19.93 -29.69 -20.49
C GLY A 327 -21.06 -28.80 -20.97
N THR A 328 -22.25 -28.94 -20.34
CA THR A 328 -23.41 -28.18 -20.77
C THR A 328 -23.18 -26.68 -20.68
N GLN A 329 -22.59 -26.23 -19.59
CA GLN A 329 -22.30 -24.81 -19.40
C GLN A 329 -20.87 -24.63 -18.92
N THR A 330 -20.19 -23.63 -19.48
CA THR A 330 -18.87 -23.23 -19.03
C THR A 330 -19.00 -22.00 -18.14
N TYR A 331 -18.44 -22.09 -16.93
CA TYR A 331 -18.63 -21.06 -15.92
C TYR A 331 -17.43 -20.13 -15.90
N ILE A 332 -17.68 -18.83 -15.99
CA ILE A 332 -16.67 -17.80 -15.92
C ILE A 332 -17.00 -16.90 -14.75
N CYS A 333 -16.04 -16.71 -13.86
CA CYS A 333 -16.19 -15.75 -12.77
C CYS A 333 -15.54 -14.44 -13.19
N ASN A 334 -16.22 -13.35 -12.86
CA ASN A 334 -15.93 -12.00 -13.34
C ASN A 334 -15.63 -11.15 -12.11
N VAL A 335 -14.34 -10.95 -11.85
CA VAL A 335 -13.89 -10.20 -10.69
C VAL A 335 -13.25 -8.92 -11.20
N ASN A 336 -13.81 -7.79 -10.78
CA ASN A 336 -13.22 -6.49 -11.09
C ASN A 336 -12.84 -5.79 -9.80
N HIS A 337 -11.64 -5.22 -9.81
CA HIS A 337 -11.07 -4.48 -8.71
C HIS A 337 -10.93 -3.04 -9.20
N LYS A 338 -11.99 -2.25 -8.97
CA LYS A 338 -12.01 -0.87 -9.44
C LYS A 338 -10.84 -0.02 -8.96
N PRO A 339 -10.38 -0.09 -7.70
CA PRO A 339 -9.29 0.80 -7.29
C PRO A 339 -8.01 0.63 -8.07
N SER A 340 -7.79 -0.52 -8.70
CA SER A 340 -6.75 -0.67 -9.71
C SER A 340 -7.35 -0.92 -11.09
N ASN A 341 -8.67 -0.89 -11.19
CA ASN A 341 -9.42 -1.24 -12.41
C ASN A 341 -8.82 -2.48 -13.08
N THR A 342 -8.63 -3.51 -12.27
CA THR A 342 -8.15 -4.81 -12.75
C THR A 342 -9.38 -5.69 -12.92
N LYS A 343 -9.81 -5.85 -14.18
CA LYS A 343 -10.99 -6.63 -14.51
C LYS A 343 -10.53 -7.97 -15.09
N VAL A 344 -10.42 -8.96 -14.22
CA VAL A 344 -10.00 -10.31 -14.62
C VAL A 344 -11.22 -11.21 -14.62
N ASP A 345 -11.32 -12.07 -15.63
CA ASP A 345 -12.40 -13.03 -15.77
C ASP A 345 -11.79 -14.39 -16.08
N LYS A 346 -12.08 -15.38 -15.25
CA LYS A 346 -11.47 -16.69 -15.40
C LYS A 346 -12.53 -17.77 -15.39
N LYS A 347 -12.42 -18.71 -16.34
CA LYS A 347 -13.36 -19.79 -16.47
C LYS A 347 -12.86 -20.99 -15.67
N ALA A 348 -13.74 -21.55 -14.84
CA ALA A 348 -13.39 -22.64 -13.93
C ALA A 348 -13.99 -23.92 -14.46
N GLU A 349 -13.13 -24.89 -14.76
CA GLU A 349 -13.54 -26.19 -15.27
C GLU A 349 -12.64 -27.25 -14.65
N PRO A 350 -13.07 -28.50 -14.62
CA PRO A 350 -12.29 -29.53 -13.93
C PRO A 350 -11.06 -29.95 -14.73
N LYS A 351 -10.09 -30.51 -14.00
CA LYS A 351 -8.86 -30.98 -14.63
C LYS A 351 -9.09 -32.33 -15.30
N SER A 352 -8.42 -32.52 -16.44
CA SER A 352 -8.61 -33.75 -17.22
C SER A 352 -7.78 -34.89 -16.66
N CYS A 353 -8.36 -36.08 -16.67
CA CYS A 353 -7.67 -37.29 -16.25
C CYS A 353 -6.86 -37.95 -17.35
N ASP A 354 -6.80 -37.34 -18.55
CA ASP A 354 -5.97 -37.87 -19.61
C ASP A 354 -4.49 -37.70 -19.32
N LYS A 355 -4.10 -36.56 -18.76
CA LYS A 355 -2.69 -36.17 -18.71
C LYS A 355 -1.87 -37.02 -17.74
N GLY A 356 -2.51 -37.76 -16.86
CA GLY A 356 -1.78 -38.64 -15.97
C GLY A 356 -1.60 -38.10 -14.57
N LEU A 357 -0.43 -38.34 -13.98
CA LEU A 357 -0.17 -38.08 -12.57
C LEU A 357 0.78 -36.90 -12.44
N GLU A 358 0.28 -35.79 -11.89
CA GLU A 358 1.11 -34.61 -11.70
C GLU A 358 2.13 -34.85 -10.60
N VAL A 359 3.40 -34.62 -10.91
CA VAL A 359 4.51 -34.84 -9.99
C VAL A 359 5.12 -33.48 -9.65
N LEU A 360 5.41 -33.27 -8.37
CA LEU A 360 6.00 -32.04 -7.88
C LEU A 360 7.19 -32.35 -7.01
N PHE A 361 8.30 -31.66 -7.25
CA PHE A 361 9.46 -31.73 -6.38
C PHE A 361 10.35 -30.53 -6.67
N GLN A 362 11.02 -30.04 -5.63
CA GLN A 362 11.85 -28.84 -5.70
C GLN A 362 11.03 -27.63 -6.14
N ALA B 1 6.08 2.60 -29.43
CA ALA B 1 7.48 2.21 -29.39
C ALA B 1 7.69 0.80 -29.95
N ILE B 2 8.96 0.42 -30.14
CA ILE B 2 9.35 -0.94 -30.52
C ILE B 2 9.99 -1.57 -29.30
N ARG B 3 9.58 -2.80 -28.98
CA ARG B 3 10.01 -3.47 -27.77
C ARG B 3 11.18 -4.41 -28.07
N MET B 4 12.18 -4.40 -27.19
CA MET B 4 13.37 -5.24 -27.34
C MET B 4 13.39 -6.27 -26.22
N THR B 5 13.45 -7.54 -26.59
CA THR B 5 13.49 -8.64 -25.64
C THR B 5 14.79 -9.41 -25.84
N GLN B 6 15.63 -9.42 -24.81
CA GLN B 6 16.89 -10.14 -24.81
C GLN B 6 16.72 -11.51 -24.20
N SER B 7 17.56 -12.44 -24.63
CA SER B 7 17.52 -13.81 -24.13
C SER B 7 18.95 -14.33 -24.07
N PRO B 8 19.30 -15.05 -22.99
CA PRO B 8 18.41 -15.27 -21.84
C PRO B 8 18.46 -14.10 -20.87
N SER B 9 17.72 -14.20 -19.76
CA SER B 9 17.83 -13.16 -18.73
C SER B 9 19.19 -13.21 -18.06
N SER B 10 19.67 -14.43 -17.74
CA SER B 10 20.97 -14.66 -17.14
C SER B 10 21.61 -15.87 -17.80
N LEU B 11 22.93 -16.02 -17.63
CA LEU B 11 23.65 -17.14 -18.20
C LEU B 11 25.02 -17.23 -17.57
N SER B 12 25.52 -18.48 -17.46
CA SER B 12 26.76 -18.82 -16.75
C SER B 12 27.83 -19.23 -17.74
N ALA B 13 29.05 -18.81 -17.50
CA ALA B 13 30.11 -19.34 -18.33
C ALA B 13 31.39 -19.29 -17.52
N SER B 14 32.43 -19.89 -18.07
CA SER B 14 33.74 -19.91 -17.49
C SER B 14 34.70 -19.20 -18.43
N PRO B 15 35.83 -18.72 -17.91
CA PRO B 15 36.82 -18.08 -18.78
C PRO B 15 37.29 -19.01 -19.89
N GLY B 16 37.24 -18.50 -21.12
CA GLY B 16 37.67 -19.23 -22.29
C GLY B 16 36.54 -19.69 -23.19
N ASP B 17 35.32 -19.77 -22.68
CA ASP B 17 34.20 -20.26 -23.47
C ASP B 17 33.67 -19.19 -24.42
N LYS B 18 33.02 -19.64 -25.48
CA LYS B 18 32.31 -18.73 -26.39
C LYS B 18 30.81 -18.79 -26.12
N VAL B 19 30.21 -17.63 -25.96
CA VAL B 19 28.82 -17.46 -25.57
C VAL B 19 28.14 -16.51 -26.54
N SER B 20 26.81 -16.65 -26.63
CA SER B 20 26.01 -15.80 -27.50
C SER B 20 24.77 -15.33 -26.74
N ILE B 21 24.43 -14.07 -26.95
CA ILE B 21 23.25 -13.43 -26.38
C ILE B 21 22.38 -12.98 -27.54
N THR B 22 21.09 -13.21 -27.44
CA THR B 22 20.19 -12.82 -28.53
C THR B 22 19.34 -11.62 -28.09
N CYS B 23 18.98 -10.80 -29.07
CA CYS B 23 18.08 -9.67 -28.87
C CYS B 23 17.10 -9.71 -30.03
N ARG B 24 15.81 -9.83 -29.70
CA ARG B 24 14.75 -9.84 -30.70
C ARG B 24 13.87 -8.61 -30.52
N ALA B 25 13.65 -7.87 -31.61
CA ALA B 25 12.85 -6.66 -31.61
C ALA B 25 11.40 -6.97 -32.01
N SER B 26 10.49 -6.07 -31.64
CA SER B 26 9.07 -6.31 -31.97
C SER B 26 8.79 -6.10 -33.46
N GLN B 27 9.53 -5.22 -34.12
CA GLN B 27 9.37 -5.02 -35.55
C GLN B 27 10.73 -5.10 -36.22
N HIS B 28 10.73 -4.97 -37.54
CA HIS B 28 11.99 -4.98 -38.27
C HIS B 28 12.63 -3.61 -38.11
N ILE B 29 13.90 -3.61 -37.70
CA ILE B 29 14.64 -2.38 -37.47
C ILE B 29 15.88 -2.29 -38.34
N ASN B 30 16.11 -3.28 -39.21
CA ASN B 30 17.03 -3.10 -40.31
C ASN B 30 18.44 -2.74 -39.83
N ASP B 31 19.00 -3.59 -38.95
CA ASP B 31 20.41 -3.52 -38.55
C ASP B 31 20.70 -2.36 -37.56
N SER B 32 19.72 -1.50 -37.27
CA SER B 32 19.89 -0.25 -36.50
C SER B 32 19.82 -0.54 -35.00
N LEU B 33 20.85 -1.21 -34.51
CA LEU B 33 20.92 -1.69 -33.14
C LEU B 33 22.34 -1.53 -32.62
N ALA B 34 22.45 -1.36 -31.30
CA ALA B 34 23.71 -1.18 -30.58
C ALA B 34 23.73 -2.13 -29.38
N TRP B 35 24.95 -2.53 -29.00
CA TRP B 35 25.23 -3.40 -27.86
C TRP B 35 26.10 -2.65 -26.86
N PHE B 36 25.67 -2.67 -25.59
CA PHE B 36 26.33 -2.00 -24.48
C PHE B 36 26.71 -3.02 -23.41
N GLN B 37 27.83 -2.76 -22.75
CA GLN B 37 28.30 -3.55 -21.62
C GLN B 37 28.36 -2.68 -20.37
N GLN B 38 27.86 -3.23 -19.26
CA GLN B 38 27.87 -2.55 -17.96
C GLN B 38 28.35 -3.53 -16.90
N ARG B 39 29.52 -3.25 -16.31
CA ARG B 39 30.00 -4.00 -15.18
C ARG B 39 29.37 -3.49 -13.88
N PRO B 40 29.39 -4.31 -12.82
CA PRO B 40 28.75 -3.90 -11.56
C PRO B 40 29.37 -2.62 -11.02
N GLY B 41 28.52 -1.63 -10.76
CA GLY B 41 28.95 -0.37 -10.21
C GLY B 41 29.38 0.66 -11.23
N LYS B 42 29.95 0.22 -12.35
CA LYS B 42 30.42 1.14 -13.37
C LYS B 42 29.28 1.56 -14.29
N ALA B 43 29.62 2.42 -15.28
CA ALA B 43 28.74 3.01 -16.27
C ALA B 43 28.74 2.20 -17.56
N PRO B 44 27.66 2.24 -18.35
CA PRO B 44 27.64 1.45 -19.58
C PRO B 44 28.71 1.94 -20.56
N LYS B 45 29.02 1.08 -21.52
CA LYS B 45 30.04 1.36 -22.52
C LYS B 45 29.60 0.75 -23.83
N LEU B 46 29.82 1.50 -24.92
CA LEU B 46 29.39 1.05 -26.23
C LEU B 46 30.31 -0.05 -26.72
N LEU B 47 29.72 -1.18 -27.12
CA LEU B 47 30.46 -2.29 -27.69
C LEU B 47 30.26 -2.39 -29.18
N ILE B 48 29.01 -2.44 -29.65
CA ILE B 48 28.73 -2.57 -31.08
C ILE B 48 27.67 -1.58 -31.50
N TYR B 49 27.82 -1.04 -32.71
CA TYR B 49 26.85 -0.16 -33.31
C TYR B 49 26.56 -0.67 -34.71
N GLY B 50 25.39 -0.33 -35.23
CA GLY B 50 24.96 -0.93 -36.49
C GLY B 50 24.88 -2.43 -36.45
N ALA B 51 24.77 -3.01 -35.25
CA ALA B 51 24.48 -4.43 -35.04
C ALA B 51 25.64 -5.32 -35.45
N SER B 52 26.62 -4.75 -36.17
CA SER B 52 27.76 -5.54 -36.62
C SER B 52 29.09 -4.81 -36.57
N ASN B 53 29.11 -3.49 -36.38
CA ASN B 53 30.35 -2.74 -36.43
C ASN B 53 30.88 -2.57 -35.02
N LEU B 54 32.11 -3.01 -34.81
CA LEU B 54 32.72 -3.07 -33.49
C LEU B 54 33.35 -1.71 -33.18
N HIS B 55 33.02 -1.16 -32.03
CA HIS B 55 33.50 0.16 -31.65
C HIS B 55 35.01 0.17 -31.47
N SER B 56 35.62 1.32 -31.73
CA SER B 56 37.07 1.42 -31.66
C SER B 56 37.54 1.25 -30.22
N GLY B 57 38.54 0.40 -30.03
CA GLY B 57 39.10 0.15 -28.71
C GLY B 57 38.55 -1.09 -28.05
N VAL B 58 37.52 -1.71 -28.63
CA VAL B 58 36.90 -2.90 -28.06
C VAL B 58 37.63 -4.13 -28.59
N PRO B 59 37.94 -5.11 -27.75
CA PRO B 59 38.68 -6.29 -28.23
C PRO B 59 37.88 -7.05 -29.28
N SER B 60 38.60 -7.79 -30.11
CA SER B 60 37.99 -8.45 -31.25
C SER B 60 37.30 -9.76 -30.91
N ARG B 61 37.33 -10.20 -29.65
CA ARG B 61 36.53 -11.37 -29.27
C ARG B 61 35.04 -11.07 -29.37
N PHE B 62 34.64 -9.82 -29.18
CA PHE B 62 33.25 -9.45 -29.37
C PHE B 62 32.94 -9.37 -30.85
N SER B 63 31.74 -9.80 -31.21
CA SER B 63 31.29 -9.75 -32.59
C SER B 63 29.78 -9.65 -32.58
N GLY B 64 29.24 -8.82 -33.47
CA GLY B 64 27.80 -8.64 -33.58
C GLY B 64 27.31 -9.12 -34.93
N THR B 65 26.21 -9.86 -34.92
CA THR B 65 25.60 -10.38 -36.14
C THR B 65 24.10 -10.23 -36.03
N GLY B 66 23.43 -10.48 -37.15
CA GLY B 66 21.99 -10.41 -37.19
C GLY B 66 21.51 -9.20 -37.94
N SER B 67 20.26 -9.26 -38.39
CA SER B 67 19.62 -8.09 -39.00
C SER B 67 18.14 -8.35 -39.18
N GLY B 68 17.44 -7.30 -39.59
CA GLY B 68 16.00 -7.35 -39.72
C GLY B 68 15.32 -7.31 -38.36
N THR B 69 15.17 -8.50 -37.75
CA THR B 69 14.48 -8.62 -36.47
C THR B 69 15.27 -9.34 -35.38
N ASP B 70 16.31 -10.10 -35.71
CA ASP B 70 17.06 -10.86 -34.72
C ASP B 70 18.53 -10.54 -34.80
N PHE B 71 19.12 -10.33 -33.62
CA PHE B 71 20.51 -9.95 -33.47
C PHE B 71 21.15 -10.79 -32.39
N THR B 72 22.46 -10.98 -32.53
CA THR B 72 23.22 -11.83 -31.63
C THR B 72 24.56 -11.19 -31.37
N LEU B 73 24.89 -11.05 -30.09
CA LEU B 73 26.21 -10.65 -29.64
C LEU B 73 26.96 -11.90 -29.22
N THR B 74 28.19 -12.05 -29.70
CA THR B 74 28.96 -13.26 -29.44
C THR B 74 30.32 -12.87 -28.89
N ILE B 75 30.72 -13.52 -27.80
CA ILE B 75 32.06 -13.37 -27.24
C ILE B 75 32.74 -14.73 -27.34
N THR B 76 33.98 -14.76 -27.86
CA THR B 76 34.69 -16.02 -28.07
C THR B 76 35.73 -16.31 -27.01
N GLY B 77 36.69 -15.42 -26.81
CA GLY B 77 37.68 -15.63 -25.78
C GLY B 77 37.28 -15.04 -24.44
N LEU B 78 36.31 -15.64 -23.75
CA LEU B 78 35.80 -15.08 -22.51
C LEU B 78 36.91 -14.89 -21.49
N GLN B 79 37.02 -13.68 -20.96
CA GLN B 79 37.98 -13.34 -19.92
C GLN B 79 37.23 -12.72 -18.74
N SER B 80 37.95 -12.52 -17.63
CA SER B 80 37.28 -12.19 -16.37
C SER B 80 36.59 -10.82 -16.40
N GLU B 81 37.09 -9.88 -17.20
CA GLU B 81 36.48 -8.56 -17.25
C GLU B 81 35.15 -8.55 -18.00
N ASP B 82 34.89 -9.58 -18.80
CA ASP B 82 33.68 -9.67 -19.62
C ASP B 82 32.46 -10.06 -18.80
N PHE B 83 32.66 -10.53 -17.58
CA PHE B 83 31.57 -10.96 -16.73
C PHE B 83 30.79 -9.75 -16.25
N ALA B 84 29.73 -9.39 -16.98
CA ALA B 84 28.98 -8.17 -16.71
C ALA B 84 27.56 -8.34 -17.24
N THR B 85 26.83 -7.23 -17.35
CA THR B 85 25.47 -7.23 -17.89
C THR B 85 25.45 -6.52 -19.25
N TYR B 86 24.71 -7.10 -20.19
CA TYR B 86 24.72 -6.63 -21.58
C TYR B 86 23.33 -6.17 -21.99
N PHE B 87 23.27 -5.04 -22.70
CA PHE B 87 22.03 -4.45 -23.16
C PHE B 87 22.05 -4.25 -24.66
N CYS B 88 20.91 -4.49 -25.31
CA CYS B 88 20.70 -4.12 -26.70
C CYS B 88 19.82 -2.86 -26.74
N GLN B 89 20.04 -2.02 -27.75
CA GLN B 89 19.22 -0.83 -27.95
C GLN B 89 18.96 -0.60 -29.43
N GLN B 90 17.69 -0.41 -29.79
CA GLN B 90 17.35 0.02 -31.13
C GLN B 90 17.44 1.54 -31.17
N CYS B 91 17.98 2.08 -32.27
CA CYS B 91 18.32 3.50 -32.29
C CYS B 91 17.78 4.25 -33.51
N ASN B 92 16.77 3.72 -34.19
CA ASN B 92 16.22 4.42 -35.35
C ASN B 92 14.94 5.18 -35.06
N CYS B 93 14.00 4.56 -34.36
CA CYS B 93 12.70 5.19 -34.16
C CYS B 93 12.67 5.98 -32.85
N PHE B 94 11.64 6.82 -32.70
CA PHE B 94 11.57 7.91 -31.75
C PHE B 94 12.01 7.51 -30.34
N PRO B 95 11.35 6.57 -29.66
CA PRO B 95 11.85 6.14 -28.35
C PRO B 95 12.90 5.05 -28.50
N PRO B 96 14.19 5.39 -28.56
CA PRO B 96 15.21 4.35 -28.73
C PRO B 96 15.42 3.58 -27.43
N ASP B 97 14.50 2.67 -27.14
CA ASP B 97 14.49 1.99 -25.86
C ASP B 97 15.51 0.85 -25.81
N PHE B 98 16.02 0.60 -24.60
CA PHE B 98 16.94 -0.49 -24.36
C PHE B 98 16.17 -1.79 -24.10
N GLY B 99 16.90 -2.90 -24.14
CA GLY B 99 16.37 -4.16 -23.66
C GLY B 99 16.49 -4.27 -22.16
N GLN B 100 15.81 -5.28 -21.61
CA GLN B 100 15.81 -5.46 -20.15
C GLN B 100 17.15 -5.97 -19.64
N GLY B 101 18.09 -6.28 -20.54
CA GLY B 101 19.43 -6.66 -20.16
C GLY B 101 19.60 -8.16 -20.00
N THR B 102 20.86 -8.59 -20.12
CA THR B 102 21.26 -9.98 -19.92
C THR B 102 22.49 -9.97 -19.03
N ARG B 103 22.42 -10.67 -17.89
CA ARG B 103 23.53 -10.70 -16.94
C ARG B 103 24.35 -11.98 -17.15
N LEU B 104 25.67 -11.83 -17.16
CA LEU B 104 26.58 -12.92 -17.41
C LEU B 104 27.41 -13.16 -16.15
N GLU B 105 27.33 -14.38 -15.61
CA GLU B 105 27.95 -14.73 -14.34
C GLU B 105 28.90 -15.91 -14.54
N ILE B 106 29.91 -16.02 -13.69
CA ILE B 106 30.89 -17.11 -13.77
C ILE B 106 30.26 -18.42 -13.31
N LYS B 107 30.55 -19.50 -14.04
CA LYS B 107 30.00 -20.82 -13.75
C LYS B 107 30.68 -21.37 -12.52
N ARG B 108 29.92 -21.96 -11.63
CA ARG B 108 30.57 -22.69 -10.55
C ARG B 108 29.70 -23.90 -10.24
N THR B 109 30.33 -24.93 -9.67
CA THR B 109 29.56 -26.10 -9.28
C THR B 109 28.49 -25.71 -8.26
N VAL B 110 27.37 -26.43 -8.31
CA VAL B 110 26.25 -26.15 -7.42
C VAL B 110 26.69 -26.33 -5.97
N ALA B 111 26.25 -25.39 -5.13
CA ALA B 111 26.58 -25.39 -3.70
C ALA B 111 25.32 -25.04 -2.92
N ALA B 112 25.08 -25.81 -1.86
CA ALA B 112 23.87 -25.61 -1.08
C ALA B 112 24.03 -24.43 -0.12
N PRO B 113 22.93 -23.71 0.15
CA PRO B 113 23.01 -22.60 1.09
C PRO B 113 23.15 -23.10 2.51
N SER B 114 23.91 -22.36 3.30
CA SER B 114 23.92 -22.58 4.74
C SER B 114 22.88 -21.66 5.37
N VAL B 115 21.88 -22.24 6.02
CA VAL B 115 20.74 -21.50 6.54
C VAL B 115 20.92 -21.25 8.02
N PHE B 116 20.63 -20.02 8.47
CA PHE B 116 20.66 -19.65 9.87
C PHE B 116 19.51 -18.71 10.15
N ILE B 117 18.97 -18.79 11.36
CA ILE B 117 17.88 -17.92 11.77
C ILE B 117 18.32 -17.15 13.01
N PHE B 118 17.83 -15.92 13.12
CA PHE B 118 18.23 -14.98 14.15
C PHE B 118 16.97 -14.34 14.73
N PRO B 119 16.68 -14.57 16.01
CA PRO B 119 15.56 -13.90 16.65
C PRO B 119 15.91 -12.45 16.95
N PRO B 120 14.93 -11.59 17.19
CA PRO B 120 15.22 -10.18 17.46
C PRO B 120 15.94 -10.01 18.79
N SER B 121 16.83 -9.02 18.83
CA SER B 121 17.53 -8.70 20.06
C SER B 121 16.54 -8.18 21.09
N ASP B 122 16.92 -8.30 22.36
CA ASP B 122 16.13 -7.67 23.41
C ASP B 122 16.19 -6.16 23.29
N GLU B 123 17.36 -5.63 22.90
CA GLU B 123 17.51 -4.21 22.65
C GLU B 123 16.52 -3.72 21.60
N GLN B 124 16.31 -4.51 20.54
CA GLN B 124 15.34 -4.10 19.53
C GLN B 124 13.93 -4.15 20.09
N LEU B 125 13.61 -5.18 20.89
CA LEU B 125 12.27 -5.28 21.45
C LEU B 125 11.99 -4.23 22.51
N LYS B 126 13.01 -3.53 23.01
CA LYS B 126 12.75 -2.37 23.84
C LYS B 126 12.13 -1.24 23.04
N SER B 127 12.52 -1.11 21.76
CA SER B 127 12.06 -0.03 20.90
C SER B 127 10.68 -0.27 20.31
N GLY B 128 10.07 -1.42 20.55
CA GLY B 128 8.71 -1.67 20.09
C GLY B 128 8.59 -2.29 18.71
N THR B 129 9.69 -2.76 18.13
CA THR B 129 9.66 -3.44 16.85
C THR B 129 10.45 -4.74 16.95
N ALA B 130 10.07 -5.71 16.13
CA ALA B 130 10.69 -7.03 16.10
C ALA B 130 11.08 -7.36 14.66
N SER B 131 12.35 -7.76 14.48
CA SER B 131 12.85 -8.18 13.17
C SER B 131 13.50 -9.54 13.32
N VAL B 132 13.02 -10.50 12.53
CA VAL B 132 13.56 -11.85 12.47
C VAL B 132 14.38 -11.96 11.20
N VAL B 133 15.60 -12.49 11.29
CA VAL B 133 16.51 -12.47 10.16
C VAL B 133 16.87 -13.90 9.79
N CYS B 134 16.78 -14.22 8.49
CA CYS B 134 17.20 -15.49 7.95
C CYS B 134 18.36 -15.25 6.99
N LEU B 135 19.41 -16.07 7.13
CA LEU B 135 20.62 -15.94 6.36
C LEU B 135 20.84 -17.20 5.54
N LEU B 136 21.09 -17.03 4.25
CA LEU B 136 21.51 -18.11 3.35
C LEU B 136 22.91 -17.78 2.88
N ASN B 137 23.87 -18.65 3.20
CA ASN B 137 25.27 -18.32 3.00
C ASN B 137 25.90 -19.19 1.92
N ASN B 138 26.57 -18.55 0.97
CA ASN B 138 27.45 -19.17 -0.03
C ASN B 138 26.79 -20.36 -0.72
N PHE B 139 25.81 -20.01 -1.55
CA PHE B 139 25.11 -20.99 -2.37
C PHE B 139 25.25 -20.60 -3.85
N TYR B 140 25.07 -21.60 -4.71
CA TYR B 140 25.07 -21.39 -6.13
C TYR B 140 24.19 -22.49 -6.68
N PRO B 141 23.29 -22.21 -7.65
CA PRO B 141 23.11 -20.91 -8.32
C PRO B 141 22.33 -19.90 -7.50
N ARG B 142 22.00 -18.77 -8.14
CA ARG B 142 21.45 -17.62 -7.43
C ARG B 142 19.99 -17.80 -7.06
N GLU B 143 19.20 -18.49 -7.89
CA GLU B 143 17.77 -18.62 -7.62
C GLU B 143 17.52 -19.36 -6.31
N ALA B 144 16.76 -18.73 -5.41
CA ALA B 144 16.42 -19.34 -4.13
C ALA B 144 15.09 -18.78 -3.65
N LYS B 145 14.41 -19.57 -2.82
CA LYS B 145 13.09 -19.23 -2.27
C LYS B 145 13.15 -19.27 -0.75
N VAL B 146 12.71 -18.19 -0.11
CA VAL B 146 12.61 -18.13 1.35
C VAL B 146 11.18 -17.79 1.72
N GLN B 147 10.60 -18.58 2.61
CA GLN B 147 9.23 -18.35 3.07
C GLN B 147 9.22 -18.44 4.59
N TRP B 148 8.56 -17.49 5.25
CA TRP B 148 8.46 -17.44 6.69
C TRP B 148 7.14 -18.01 7.15
N LYS B 149 7.17 -18.78 8.23
CA LYS B 149 5.97 -19.30 8.88
C LYS B 149 6.04 -18.90 10.35
N VAL B 150 4.97 -18.26 10.83
CA VAL B 150 4.86 -17.81 12.21
C VAL B 150 3.75 -18.62 12.85
N ASP B 151 4.11 -19.45 13.83
CA ASP B 151 3.18 -20.44 14.38
C ASP B 151 2.50 -21.23 13.27
N ASN B 152 3.30 -21.56 12.24
CA ASN B 152 2.90 -22.36 11.09
C ASN B 152 1.92 -21.62 10.18
N ALA B 153 1.75 -20.32 10.35
CA ALA B 153 0.98 -19.51 9.41
C ALA B 153 1.94 -18.90 8.40
N LEU B 154 1.70 -19.16 7.12
CA LEU B 154 2.56 -18.65 6.06
C LEU B 154 2.44 -17.14 5.91
N GLN B 155 3.58 -16.47 5.80
CA GLN B 155 3.66 -15.01 5.72
C GLN B 155 3.86 -14.55 4.27
N SER B 156 3.26 -13.41 3.94
CA SER B 156 3.53 -12.72 2.68
C SER B 156 3.56 -11.23 2.95
N GLY B 157 4.35 -10.51 2.17
CA GLY B 157 4.27 -9.05 2.18
C GLY B 157 4.93 -8.38 3.36
N ASN B 158 5.28 -9.11 4.40
CA ASN B 158 5.92 -8.56 5.58
C ASN B 158 7.37 -9.03 5.70
N SER B 159 8.01 -9.30 4.56
CA SER B 159 9.38 -9.77 4.51
C SER B 159 10.08 -9.08 3.35
N GLN B 160 11.38 -8.84 3.51
CA GLN B 160 12.18 -8.20 2.47
C GLN B 160 13.51 -8.93 2.32
N GLU B 161 13.90 -9.17 1.07
CA GLU B 161 15.08 -9.93 0.70
C GLU B 161 16.20 -9.01 0.22
N SER B 162 17.42 -9.52 0.29
CA SER B 162 18.59 -8.78 -0.21
C SER B 162 19.67 -9.79 -0.56
N VAL B 163 20.16 -9.73 -1.80
CA VAL B 163 21.14 -10.67 -2.31
C VAL B 163 22.43 -9.92 -2.62
N THR B 164 23.55 -10.50 -2.24
CA THR B 164 24.84 -9.91 -2.56
C THR B 164 25.18 -10.18 -4.03
N GLU B 165 26.22 -9.52 -4.50
CA GLU B 165 26.72 -9.90 -5.82
C GLU B 165 27.62 -11.13 -5.67
N GLN B 166 27.92 -11.76 -6.80
CA GLN B 166 28.75 -12.95 -6.80
C GLN B 166 30.12 -12.66 -6.23
N ASP B 167 30.53 -13.46 -5.24
CA ASP B 167 31.77 -13.20 -4.54
C ASP B 167 32.96 -13.47 -5.47
N SER B 168 34.06 -12.75 -5.23
CA SER B 168 35.14 -12.67 -6.20
C SER B 168 35.77 -14.03 -6.50
N LYS B 169 36.01 -14.85 -5.47
CA LYS B 169 36.68 -16.13 -5.66
C LYS B 169 35.71 -17.30 -5.71
N ASP B 170 34.92 -17.50 -4.65
CA ASP B 170 34.04 -18.65 -4.56
C ASP B 170 32.90 -18.60 -5.57
N SER B 171 32.63 -17.44 -6.17
CA SER B 171 31.56 -17.28 -7.14
C SER B 171 30.19 -17.67 -6.55
N THR B 172 30.02 -17.47 -5.25
CA THR B 172 28.77 -17.84 -4.60
C THR B 172 27.92 -16.61 -4.33
N TYR B 173 26.70 -16.87 -3.87
CA TYR B 173 25.76 -15.83 -3.50
C TYR B 173 25.33 -16.03 -2.06
N SER B 174 24.94 -14.93 -1.41
CA SER B 174 24.38 -14.96 -0.08
C SER B 174 23.14 -14.09 -0.04
N LEU B 175 22.12 -14.56 0.69
CA LEU B 175 20.85 -13.87 0.77
C LEU B 175 20.51 -13.61 2.23
N SER B 176 19.85 -12.50 2.47
CA SER B 176 19.37 -12.14 3.80
C SER B 176 17.91 -11.74 3.67
N SER B 177 17.04 -12.37 4.45
CA SER B 177 15.62 -12.04 4.47
C SER B 177 15.23 -11.58 5.87
N THR B 178 14.52 -10.48 5.95
CA THR B 178 14.08 -9.93 7.23
C THR B 178 12.56 -9.83 7.26
N LEU B 179 11.97 -10.42 8.28
CA LEU B 179 10.54 -10.33 8.53
C LEU B 179 10.32 -9.40 9.72
N THR B 180 9.45 -8.40 9.54
CA THR B 180 9.22 -7.33 10.51
C THR B 180 7.78 -7.31 11.01
N LEU B 181 7.65 -7.36 12.34
CA LEU B 181 6.37 -7.22 13.01
C LEU B 181 6.50 -6.25 14.17
N SER B 182 5.36 -5.82 14.68
CA SER B 182 5.33 -5.03 15.90
C SER B 182 5.62 -5.91 17.11
N LYS B 183 6.00 -5.27 18.23
CA LYS B 183 6.31 -6.05 19.42
C LYS B 183 5.10 -6.84 19.91
N ALA B 184 3.90 -6.27 19.75
CA ALA B 184 2.69 -6.99 20.14
C ALA B 184 2.53 -8.29 19.36
N ASP B 185 2.66 -8.20 18.03
CA ASP B 185 2.47 -9.39 17.20
C ASP B 185 3.54 -10.43 17.48
N TYR B 186 4.79 -9.98 17.66
CA TYR B 186 5.86 -10.92 17.97
C TYR B 186 5.60 -11.64 19.29
N GLU B 187 5.19 -10.90 20.31
CA GLU B 187 4.92 -11.52 21.59
C GLU B 187 3.63 -12.31 21.60
N LYS B 188 2.81 -12.22 20.54
CA LYS B 188 1.57 -12.98 20.50
C LYS B 188 1.74 -14.44 20.08
N HIS B 189 2.81 -14.78 19.36
CA HIS B 189 3.00 -16.13 18.84
C HIS B 189 4.35 -16.69 19.32
N LYS B 190 4.58 -17.98 19.07
CA LYS B 190 5.68 -18.69 19.70
C LYS B 190 6.77 -19.14 18.74
N VAL B 191 6.45 -19.93 17.71
CA VAL B 191 7.48 -20.55 16.87
C VAL B 191 7.61 -19.79 15.55
N TYR B 192 8.84 -19.38 15.25
CA TYR B 192 9.17 -18.63 14.04
C TYR B 192 10.09 -19.49 13.18
N ALA B 193 9.68 -19.74 11.95
CA ALA B 193 10.39 -20.65 11.07
C ALA B 193 10.70 -19.99 9.74
N CYS B 194 11.90 -20.24 9.25
CA CYS B 194 12.37 -19.83 7.93
C CYS B 194 12.60 -21.08 7.11
N GLU B 195 11.94 -21.15 5.95
CA GLU B 195 11.96 -22.33 5.08
C GLU B 195 12.59 -21.97 3.74
N VAL B 196 13.56 -22.77 3.32
CA VAL B 196 14.45 -22.47 2.20
C VAL B 196 14.30 -23.53 1.13
N THR B 197 14.08 -23.09 -0.11
CA THR B 197 14.05 -23.93 -1.30
C THR B 197 15.20 -23.52 -2.22
N HIS B 198 16.04 -24.51 -2.56
CA HIS B 198 17.19 -24.34 -3.42
C HIS B 198 17.40 -25.62 -4.20
N GLN B 199 17.81 -25.49 -5.46
CA GLN B 199 18.07 -26.69 -6.26
C GLN B 199 19.17 -27.56 -5.68
N GLY B 200 20.13 -26.96 -4.97
CA GLY B 200 21.16 -27.73 -4.32
C GLY B 200 20.70 -28.51 -3.11
N LEU B 201 19.45 -28.36 -2.70
CA LEU B 201 18.89 -29.08 -1.55
C LEU B 201 17.94 -30.16 -2.06
N SER B 202 18.11 -31.38 -1.54
CA SER B 202 17.23 -32.48 -1.94
C SER B 202 15.78 -32.19 -1.56
N SER B 203 15.57 -31.68 -0.35
CA SER B 203 14.26 -31.24 0.12
C SER B 203 14.42 -29.88 0.79
N PRO B 204 13.35 -29.10 0.87
CA PRO B 204 13.45 -27.78 1.52
C PRO B 204 13.83 -27.88 2.99
N VAL B 205 14.63 -26.92 3.43
CA VAL B 205 15.20 -26.91 4.78
C VAL B 205 14.49 -25.86 5.62
N THR B 206 14.00 -26.28 6.77
CA THR B 206 13.32 -25.36 7.69
C THR B 206 14.14 -25.22 8.96
N LYS B 207 14.57 -24.01 9.26
CA LYS B 207 15.21 -23.68 10.54
C LYS B 207 14.31 -22.74 11.32
N SER B 208 14.21 -22.95 12.62
CA SER B 208 13.20 -22.25 13.41
C SER B 208 13.71 -22.02 14.82
N PHE B 209 12.96 -21.22 15.57
CA PHE B 209 13.22 -21.01 16.99
C PHE B 209 11.89 -20.72 17.68
N ASN B 210 11.88 -20.93 19.00
CA ASN B 210 10.73 -20.63 19.84
C ASN B 210 11.02 -19.39 20.69
N ARG B 211 10.11 -18.43 20.63
CA ARG B 211 10.27 -17.20 21.40
C ARG B 211 10.37 -17.51 22.89
N GLY B 212 11.45 -17.02 23.53
CA GLY B 212 11.68 -17.23 24.93
C GLY B 212 12.62 -18.38 25.27
N GLU B 213 12.77 -19.33 24.36
CA GLU B 213 13.61 -20.50 24.58
C GLU B 213 14.96 -20.40 23.90
N ALA C 1 -13.92 3.84 34.51
CA ALA C 1 -15.16 3.87 33.74
C ALA C 1 -16.22 2.96 34.36
N ILE C 2 -17.43 3.02 33.81
CA ILE C 2 -18.52 2.12 34.20
C ILE C 2 -18.66 1.05 33.13
N ARG C 3 -18.72 -0.21 33.57
CA ARG C 3 -18.80 -1.35 32.69
C ARG C 3 -20.26 -1.75 32.50
N MET C 4 -20.70 -1.77 31.25
CA MET C 4 -22.04 -2.21 30.89
C MET C 4 -21.96 -3.60 30.27
N THR C 5 -22.72 -4.54 30.83
CA THR C 5 -22.71 -5.90 30.35
C THR C 5 -24.11 -6.25 29.83
N GLN C 6 -24.20 -6.55 28.55
CA GLN C 6 -25.47 -6.95 27.95
C GLN C 6 -25.59 -8.46 27.97
N SER C 7 -26.84 -8.93 28.00
CA SER C 7 -27.11 -10.35 28.02
C SER C 7 -28.40 -10.61 27.24
N PRO C 8 -28.42 -11.64 26.38
CA PRO C 8 -27.28 -12.51 26.10
C PRO C 8 -26.35 -11.91 25.03
N SER C 9 -25.29 -12.60 24.68
CA SER C 9 -24.42 -12.13 23.60
C SER C 9 -25.11 -12.23 22.25
N SER C 10 -25.80 -13.33 22.01
CA SER C 10 -26.53 -13.57 20.76
C SER C 10 -27.89 -14.13 21.13
N LEU C 11 -28.81 -14.10 20.16
CA LEU C 11 -30.15 -14.60 20.43
C LEU C 11 -30.88 -14.88 19.12
N SER C 12 -31.65 -15.96 19.12
CA SER C 12 -32.37 -16.46 17.97
C SER C 12 -33.86 -16.40 18.22
N ALA C 13 -34.62 -15.93 17.23
CA ALA C 13 -36.08 -15.87 17.35
C ALA C 13 -36.69 -15.85 15.95
N SER C 14 -38.02 -15.88 15.91
CA SER C 14 -38.79 -15.84 14.68
C SER C 14 -39.69 -14.62 14.65
N PRO C 15 -40.12 -14.18 13.47
CA PRO C 15 -41.06 -13.04 13.42
C PRO C 15 -42.33 -13.33 14.22
N GLY C 16 -42.66 -12.40 15.11
CA GLY C 16 -43.84 -12.49 15.95
C GLY C 16 -43.55 -12.75 17.41
N ASP C 17 -42.38 -13.27 17.74
CA ASP C 17 -42.05 -13.59 19.12
C ASP C 17 -41.70 -12.30 19.84
N LYS C 18 -41.87 -12.32 21.16
CA LYS C 18 -41.46 -11.21 22.00
C LYS C 18 -40.14 -11.56 22.66
N VAL C 19 -39.19 -10.65 22.59
CA VAL C 19 -37.82 -10.87 23.03
C VAL C 19 -37.45 -9.79 24.02
N SER C 20 -36.52 -10.15 24.91
CA SER C 20 -36.00 -9.18 25.87
C SER C 20 -34.50 -9.33 25.97
N ILE C 21 -33.81 -8.20 25.99
CA ILE C 21 -32.38 -8.10 26.17
C ILE C 21 -32.11 -7.26 27.41
N THR C 22 -31.14 -7.71 28.20
CA THR C 22 -30.78 -7.07 29.46
C THR C 22 -29.46 -6.36 29.30
N CYS C 23 -29.31 -5.27 30.06
CA CYS C 23 -28.05 -4.55 30.17
C CYS C 23 -27.91 -4.23 31.65
N ARG C 24 -26.80 -4.63 32.25
CA ARG C 24 -26.55 -4.33 33.65
C ARG C 24 -25.32 -3.43 33.76
N ALA C 25 -25.48 -2.31 34.46
CA ALA C 25 -24.38 -1.40 34.72
C ALA C 25 -23.62 -1.81 35.96
N SER C 26 -22.37 -1.34 36.06
CA SER C 26 -21.54 -1.71 37.20
C SER C 26 -22.01 -1.00 38.46
N GLN C 27 -22.51 0.23 38.34
CA GLN C 27 -23.04 1.02 39.45
C GLN C 27 -24.37 1.64 39.03
N HIS C 28 -24.97 2.42 39.93
CA HIS C 28 -26.25 3.07 39.67
C HIS C 28 -26.06 4.28 38.76
N ILE C 29 -26.93 4.40 37.75
CA ILE C 29 -26.83 5.48 36.76
C ILE C 29 -28.12 6.28 36.56
N ASN C 30 -29.16 6.02 37.37
CA ASN C 30 -30.42 6.79 37.36
C ASN C 30 -31.05 6.87 35.97
N ASP C 31 -31.31 5.74 35.33
CA ASP C 31 -32.05 5.76 34.08
C ASP C 31 -31.22 6.35 32.94
N SER C 32 -29.95 6.72 33.18
CA SER C 32 -29.17 7.47 32.18
C SER C 32 -28.58 6.47 31.20
N LEU C 33 -29.47 5.83 30.44
CA LEU C 33 -29.08 4.79 29.52
C LEU C 33 -29.92 4.90 28.26
N ALA C 34 -29.33 4.48 27.15
CA ALA C 34 -29.96 4.53 25.85
C ALA C 34 -29.81 3.18 25.17
N TRP C 35 -30.78 2.86 24.32
CA TRP C 35 -30.78 1.65 23.52
C TRP C 35 -30.67 2.04 22.05
N PHE C 36 -29.73 1.43 21.34
CA PHE C 36 -29.50 1.70 19.94
C PHE C 36 -29.68 0.41 19.16
N GLN C 37 -30.18 0.55 17.94
CA GLN C 37 -30.30 -0.57 17.02
C GLN C 37 -29.41 -0.28 15.82
N GLN C 38 -28.65 -1.30 15.42
CA GLN C 38 -27.74 -1.22 14.29
C GLN C 38 -27.98 -2.47 13.44
N ARG C 39 -28.48 -2.25 12.24
CA ARG C 39 -28.60 -3.33 11.29
C ARG C 39 -27.25 -3.55 10.63
N PRO C 40 -27.03 -4.72 10.04
CA PRO C 40 -25.71 -5.00 9.44
C PRO C 40 -25.38 -4.00 8.33
N GLY C 41 -24.22 -3.37 8.46
CA GLY C 41 -23.71 -2.43 7.48
C GLY C 41 -24.16 -1.00 7.64
N LYS C 42 -25.38 -0.77 8.12
CA LYS C 42 -25.87 0.60 8.29
C LYS C 42 -25.38 1.18 9.61
N ALA C 43 -25.81 2.42 9.89
CA ALA C 43 -25.42 3.21 11.04
C ALA C 43 -26.41 3.03 12.19
N PRO C 44 -25.96 3.21 13.43
CA PRO C 44 -26.86 3.01 14.58
C PRO C 44 -28.01 4.01 14.60
N LYS C 45 -29.04 3.67 15.39
CA LYS C 45 -30.20 4.52 15.49
C LYS C 45 -30.77 4.41 16.91
N LEU C 46 -31.22 5.55 17.45
CA LEU C 46 -31.71 5.62 18.82
C LEU C 46 -33.11 5.00 18.93
N LEU C 47 -33.29 4.13 19.92
CA LEU C 47 -34.58 3.49 20.17
C LEU C 47 -35.26 4.10 21.40
N ILE C 48 -34.57 4.05 22.54
CA ILE C 48 -34.99 4.63 23.82
C ILE C 48 -33.83 5.36 24.49
N TYR C 49 -34.22 6.43 25.19
CA TYR C 49 -33.33 7.25 26.00
C TYR C 49 -33.98 7.37 27.37
N GLY C 50 -33.15 7.65 28.38
CA GLY C 50 -33.65 7.66 29.74
C GLY C 50 -34.22 6.34 30.19
N ALA C 51 -33.83 5.26 29.52
CA ALA C 51 -34.09 3.87 29.89
C ALA C 51 -35.53 3.43 29.71
N SER C 52 -36.45 4.37 29.55
CA SER C 52 -37.86 4.01 29.41
C SER C 52 -38.63 4.85 28.41
N ASN C 53 -38.08 5.95 27.89
CA ASN C 53 -38.81 6.88 27.03
C ASN C 53 -38.57 6.55 25.56
N LEU C 54 -39.65 6.42 24.81
CA LEU C 54 -39.57 5.95 23.45
C LEU C 54 -39.23 7.14 22.53
N HIS C 55 -38.18 6.99 21.73
CA HIS C 55 -37.80 8.08 20.84
C HIS C 55 -38.87 8.31 19.78
N SER C 56 -38.97 9.54 19.31
CA SER C 56 -39.99 9.88 18.34
C SER C 56 -39.71 9.19 17.01
N GLY C 57 -40.75 8.56 16.45
CA GLY C 57 -40.70 7.93 15.14
C GLY C 57 -40.42 6.45 15.14
N VAL C 58 -39.98 5.87 16.25
CA VAL C 58 -39.69 4.44 16.30
C VAL C 58 -40.93 3.71 16.84
N PRO C 59 -41.27 2.55 16.28
CA PRO C 59 -42.53 1.88 16.64
C PRO C 59 -42.62 1.51 18.11
N SER C 60 -43.86 1.34 18.58
CA SER C 60 -44.16 1.11 19.98
C SER C 60 -44.02 -0.36 20.40
N ARG C 61 -43.64 -1.26 19.48
CA ARG C 61 -43.34 -2.62 19.91
C ARG C 61 -42.09 -2.65 20.80
N PHE C 62 -41.19 -1.70 20.59
CA PHE C 62 -40.02 -1.55 21.44
C PHE C 62 -40.42 -0.91 22.76
N SER C 63 -39.78 -1.35 23.84
CA SER C 63 -40.08 -0.83 25.17
C SER C 63 -38.85 -0.94 26.05
N GLY C 64 -38.63 0.08 26.86
CA GLY C 64 -37.51 0.11 27.79
C GLY C 64 -37.99 0.15 29.24
N THR C 65 -37.34 -0.64 30.09
CA THR C 65 -37.64 -0.65 31.51
C THR C 65 -36.33 -0.75 32.30
N GLY C 66 -36.41 -0.56 33.61
CA GLY C 66 -35.27 -0.78 34.47
C GLY C 66 -34.69 0.54 34.97
N SER C 67 -33.90 0.44 36.03
CA SER C 67 -33.12 1.58 36.51
C SER C 67 -32.14 1.05 37.54
N GLY C 68 -31.45 1.97 38.20
CA GLY C 68 -30.43 1.59 39.14
C GLY C 68 -29.28 1.01 38.36
N THR C 69 -29.24 -0.32 38.32
CA THR C 69 -28.21 -1.06 37.63
C THR C 69 -28.75 -1.99 36.56
N ASP C 70 -30.06 -2.23 36.52
CA ASP C 70 -30.58 -3.23 35.58
C ASP C 70 -31.64 -2.62 34.67
N PHE C 71 -31.46 -2.85 33.36
CA PHE C 71 -32.34 -2.29 32.33
C PHE C 71 -32.67 -3.37 31.30
N THR C 72 -33.83 -3.24 30.68
CA THR C 72 -34.31 -4.25 29.76
C THR C 72 -34.97 -3.59 28.56
N LEU C 73 -34.53 -3.96 27.37
CA LEU C 73 -35.20 -3.60 26.13
C LEU C 73 -35.98 -4.81 25.64
N THR C 74 -37.27 -4.63 25.36
CA THR C 74 -38.09 -5.75 24.93
C THR C 74 -38.84 -5.34 23.66
N ILE C 75 -38.86 -6.25 22.69
CA ILE C 75 -39.66 -6.09 21.48
C ILE C 75 -40.74 -7.15 21.52
N THR C 76 -41.99 -6.76 21.23
CA THR C 76 -43.09 -7.71 21.36
C THR C 76 -43.46 -8.32 20.01
N GLY C 77 -43.79 -7.47 19.04
CA GLY C 77 -44.14 -7.91 17.69
C GLY C 77 -42.95 -7.96 16.74
N LEU C 78 -42.11 -8.97 16.91
CA LEU C 78 -40.90 -9.07 16.10
C LEU C 78 -41.21 -9.08 14.60
N GLN C 79 -40.56 -8.19 13.86
CA GLN C 79 -40.65 -8.12 12.42
C GLN C 79 -39.26 -8.22 11.83
N SER C 80 -39.21 -8.34 10.49
CA SER C 80 -37.96 -8.67 9.82
C SER C 80 -36.93 -7.56 9.98
N GLU C 81 -37.37 -6.32 10.15
CA GLU C 81 -36.43 -5.22 10.32
C GLU C 81 -35.81 -5.22 11.70
N ASP C 82 -36.41 -5.91 12.67
CA ASP C 82 -35.86 -5.91 14.02
C ASP C 82 -34.65 -6.82 14.18
N PHE C 83 -34.43 -7.74 13.22
CA PHE C 83 -33.29 -8.64 13.33
C PHE C 83 -32.00 -7.86 13.06
N ALA C 84 -31.38 -7.38 14.14
CA ALA C 84 -30.21 -6.53 14.07
C ALA C 84 -29.42 -6.71 15.35
N THR C 85 -28.49 -5.79 15.60
CA THR C 85 -27.69 -5.78 16.82
C THR C 85 -28.10 -4.60 17.68
N TYR C 86 -28.20 -4.82 18.99
CA TYR C 86 -28.67 -3.79 19.90
C TYR C 86 -27.58 -3.47 20.90
N PHE C 87 -27.40 -2.18 21.17
CA PHE C 87 -26.37 -1.71 22.08
C PHE C 87 -26.99 -0.88 23.20
N CYS C 88 -26.50 -1.03 24.41
CA CYS C 88 -26.85 -0.11 25.48
C CYS C 88 -25.69 0.86 25.69
N GLN C 89 -26.03 2.09 26.08
CA GLN C 89 -25.02 3.07 26.40
C GLN C 89 -25.40 3.80 27.68
N GLN C 90 -24.45 3.87 28.61
CA GLN C 90 -24.59 4.70 29.80
C GLN C 90 -24.14 6.11 29.44
N CYS C 91 -24.91 7.10 29.90
CA CYS C 91 -24.70 8.49 29.51
C CYS C 91 -24.67 9.41 30.73
N ASN C 92 -24.36 8.88 31.91
CA ASN C 92 -24.35 9.68 33.11
C ASN C 92 -22.95 10.18 33.45
N CYS C 93 -21.95 9.30 33.39
CA CYS C 93 -20.58 9.67 33.71
C CYS C 93 -19.76 9.88 32.44
N PHE C 94 -18.59 10.50 32.62
CA PHE C 94 -17.77 11.10 31.57
C PHE C 94 -17.58 10.21 30.35
N PRO C 95 -16.98 9.03 30.46
CA PRO C 95 -16.87 8.17 29.27
C PRO C 95 -18.16 7.41 29.06
N PRO C 96 -19.01 7.84 28.14
CA PRO C 96 -20.28 7.14 27.91
C PRO C 96 -20.05 5.84 27.14
N ASP C 97 -19.66 4.79 27.85
CA ASP C 97 -19.27 3.55 27.21
C ASP C 97 -20.49 2.77 26.74
N PHE C 98 -20.33 2.08 25.62
CA PHE C 98 -21.36 1.20 25.10
C PHE C 98 -21.22 -0.20 25.69
N GLY C 99 -22.29 -1.00 25.51
CA GLY C 99 -22.17 -2.42 25.75
C GLY C 99 -21.57 -3.10 24.54
N GLN C 100 -21.18 -4.37 24.72
CA GLN C 100 -20.57 -5.08 23.61
C GLN C 100 -21.59 -5.52 22.58
N GLY C 101 -22.87 -5.29 22.84
CA GLY C 101 -23.90 -5.54 21.87
C GLY C 101 -24.46 -6.96 21.93
N THR C 102 -25.68 -7.11 21.43
CA THR C 102 -26.32 -8.40 21.31
C THR C 102 -26.91 -8.50 19.92
N ARG C 103 -26.59 -9.58 19.23
CA ARG C 103 -27.06 -9.79 17.87
C ARG C 103 -28.31 -10.64 17.89
N LEU C 104 -29.29 -10.24 17.09
CA LEU C 104 -30.58 -10.91 17.04
C LEU C 104 -30.69 -11.62 15.70
N GLU C 105 -30.83 -12.95 15.75
CA GLU C 105 -30.76 -13.79 14.57
C GLU C 105 -32.07 -14.53 14.39
N ILE C 106 -32.41 -14.83 13.13
CA ILE C 106 -33.64 -15.53 12.81
C ILE C 106 -33.52 -17.01 13.18
N LYS C 107 -34.52 -17.52 13.90
CA LYS C 107 -34.53 -18.93 14.27
C LYS C 107 -35.07 -19.77 13.12
N ARG C 108 -34.41 -20.90 12.87
CA ARG C 108 -34.69 -21.70 11.70
C ARG C 108 -34.53 -23.18 12.03
N THR C 109 -35.21 -24.02 11.25
CA THR C 109 -35.03 -25.46 11.38
C THR C 109 -33.58 -25.81 11.05
N VAL C 110 -33.05 -26.81 11.76
CA VAL C 110 -31.67 -27.24 11.56
C VAL C 110 -31.49 -27.78 10.15
N ALA C 111 -30.37 -27.43 9.52
CA ALA C 111 -30.04 -27.88 8.18
C ALA C 111 -28.56 -28.22 8.15
N ALA C 112 -28.23 -29.38 7.56
CA ALA C 112 -26.85 -29.82 7.48
C ALA C 112 -26.12 -29.12 6.33
N PRO C 113 -24.83 -28.84 6.49
CA PRO C 113 -24.08 -28.21 5.41
C PRO C 113 -23.77 -29.22 4.32
N SER C 114 -23.71 -28.72 3.08
CA SER C 114 -23.15 -29.49 1.99
C SER C 114 -21.66 -29.17 1.92
N VAL C 115 -20.82 -30.19 2.11
CA VAL C 115 -19.39 -30.00 2.26
C VAL C 115 -18.68 -30.30 0.95
N PHE C 116 -17.73 -29.45 0.59
CA PHE C 116 -16.91 -29.66 -0.60
C PHE C 116 -15.47 -29.26 -0.31
N ILE C 117 -14.53 -29.93 -0.97
CA ILE C 117 -13.11 -29.63 -0.83
C ILE C 117 -12.57 -29.25 -2.21
N PHE C 118 -11.60 -28.33 -2.22
CA PHE C 118 -11.07 -27.75 -3.44
C PHE C 118 -9.55 -27.77 -3.34
N PRO C 119 -8.87 -28.49 -4.22
CA PRO C 119 -7.40 -28.51 -4.21
C PRO C 119 -6.85 -27.21 -4.80
N PRO C 120 -5.59 -26.89 -4.54
CA PRO C 120 -5.02 -25.66 -5.11
C PRO C 120 -4.86 -25.79 -6.61
N SER C 121 -5.06 -24.67 -7.30
CA SER C 121 -4.86 -24.64 -8.74
C SER C 121 -3.39 -24.85 -9.08
N ASP C 122 -3.14 -25.34 -10.29
CA ASP C 122 -1.77 -25.42 -10.78
C ASP C 122 -1.18 -24.03 -11.01
N GLU C 123 -2.03 -23.04 -11.30
CA GLU C 123 -1.51 -21.69 -11.50
C GLU C 123 -1.01 -21.08 -10.20
N GLN C 124 -1.59 -21.47 -9.06
CA GLN C 124 -1.12 -20.91 -7.79
C GLN C 124 0.22 -21.51 -7.39
N LEU C 125 0.42 -22.81 -7.63
CA LEU C 125 1.66 -23.45 -7.23
C LEU C 125 2.87 -22.99 -8.05
N LYS C 126 2.66 -22.26 -9.14
CA LYS C 126 3.78 -21.64 -9.83
C LYS C 126 4.42 -20.57 -8.95
N SER C 127 3.61 -19.84 -8.18
CA SER C 127 4.11 -18.79 -7.31
C SER C 127 4.64 -19.32 -5.98
N GLY C 128 4.55 -20.62 -5.73
CA GLY C 128 5.11 -21.21 -4.53
C GLY C 128 4.18 -21.30 -3.34
N THR C 129 2.87 -21.10 -3.53
CA THR C 129 1.91 -21.25 -2.46
C THR C 129 0.77 -22.16 -2.90
N ALA C 130 0.21 -22.87 -1.93
CA ALA C 130 -0.90 -23.78 -2.16
C ALA C 130 -2.00 -23.42 -1.17
N SER C 131 -3.21 -23.23 -1.68
CA SER C 131 -4.38 -22.96 -0.85
C SER C 131 -5.45 -23.98 -1.18
N VAL C 132 -5.85 -24.74 -0.16
CA VAL C 132 -6.92 -25.71 -0.27
C VAL C 132 -8.12 -25.16 0.48
N VAL C 133 -9.29 -25.25 -0.13
CA VAL C 133 -10.47 -24.58 0.40
C VAL C 133 -11.55 -25.61 0.70
N CYS C 134 -12.13 -25.50 1.89
CA CYS C 134 -13.27 -26.32 2.29
C CYS C 134 -14.48 -25.41 2.39
N LEU C 135 -15.57 -25.82 1.78
CA LEU C 135 -16.79 -25.03 1.74
C LEU C 135 -17.90 -25.80 2.45
N LEU C 136 -18.58 -25.11 3.35
CA LEU C 136 -19.77 -25.61 4.03
C LEU C 136 -20.94 -24.77 3.54
N ASN C 137 -21.92 -25.43 2.93
CA ASN C 137 -22.95 -24.72 2.21
C ASN C 137 -24.29 -24.86 2.91
N ASN C 138 -24.92 -23.72 3.18
CA ASN C 138 -26.33 -23.64 3.58
C ASN C 138 -26.65 -24.57 4.75
N PHE C 139 -26.11 -24.19 5.91
CA PHE C 139 -26.35 -24.87 7.17
C PHE C 139 -26.93 -23.90 8.19
N TYR C 140 -27.58 -24.47 9.22
CA TYR C 140 -28.10 -23.70 10.35
C TYR C 140 -28.07 -24.60 11.58
N PRO C 141 -27.60 -24.09 12.73
CA PRO C 141 -27.07 -22.75 13.00
C PRO C 141 -25.62 -22.66 12.58
N ARG C 142 -24.93 -21.58 12.95
CA ARG C 142 -23.57 -21.36 12.45
C ARG C 142 -22.55 -22.25 13.14
N GLU C 143 -22.81 -22.60 14.41
CA GLU C 143 -21.84 -23.36 15.18
C GLU C 143 -21.51 -24.64 14.44
N ALA C 144 -20.32 -24.68 13.86
CA ALA C 144 -19.88 -25.78 13.03
C ALA C 144 -18.39 -25.93 13.21
N LYS C 145 -17.87 -27.12 12.94
CA LYS C 145 -16.46 -27.34 13.16
C LYS C 145 -15.82 -27.89 11.88
N VAL C 146 -14.74 -27.25 11.44
CA VAL C 146 -13.95 -27.72 10.31
C VAL C 146 -12.53 -27.97 10.80
N GLN C 147 -12.00 -29.13 10.45
CA GLN C 147 -10.66 -29.53 10.86
C GLN C 147 -9.93 -30.05 9.64
N TRP C 148 -8.66 -29.67 9.49
CA TRP C 148 -7.88 -30.19 8.39
C TRP C 148 -6.97 -31.32 8.87
N LYS C 149 -6.88 -32.36 8.05
CA LYS C 149 -5.97 -33.48 8.28
C LYS C 149 -5.12 -33.64 7.04
N VAL C 150 -3.80 -33.62 7.22
CA VAL C 150 -2.86 -33.78 6.14
C VAL C 150 -2.07 -35.06 6.44
N ASP C 151 -2.28 -36.08 5.62
CA ASP C 151 -1.76 -37.42 5.89
C ASP C 151 -2.08 -37.85 7.32
N ASN C 152 -3.36 -37.68 7.69
CA ASN C 152 -3.97 -38.11 8.94
C ASN C 152 -3.57 -37.27 10.15
N ALA C 153 -2.88 -36.16 9.95
CA ALA C 153 -2.41 -35.32 11.05
C ALA C 153 -3.28 -34.08 11.15
N LEU C 154 -3.85 -33.84 12.33
CA LEU C 154 -4.71 -32.68 12.53
C LEU C 154 -3.88 -31.40 12.39
N GLN C 155 -4.40 -30.45 11.62
CA GLN C 155 -3.70 -29.20 11.35
C GLN C 155 -4.20 -28.10 12.27
N SER C 156 -3.29 -27.24 12.71
CA SER C 156 -3.67 -26.05 13.46
C SER C 156 -2.81 -24.88 13.01
N GLY C 157 -3.41 -23.68 13.06
CA GLY C 157 -2.73 -22.41 12.84
C GLY C 157 -2.52 -21.97 11.40
N ASN C 158 -2.72 -22.84 10.42
CA ASN C 158 -2.54 -22.50 9.02
C ASN C 158 -3.84 -22.49 8.21
N SER C 159 -4.95 -22.15 8.84
CA SER C 159 -6.23 -22.07 8.16
C SER C 159 -7.00 -20.89 8.74
N GLN C 160 -7.71 -20.17 7.88
CA GLN C 160 -8.55 -19.07 8.31
C GLN C 160 -9.97 -19.33 7.82
N GLU C 161 -10.94 -18.90 8.61
CA GLU C 161 -12.35 -19.10 8.31
C GLU C 161 -13.02 -17.78 8.00
N SER C 162 -14.11 -17.87 7.24
CA SER C 162 -14.91 -16.70 6.88
C SER C 162 -16.31 -17.19 6.57
N VAL C 163 -17.30 -16.70 7.31
CA VAL C 163 -18.68 -17.16 7.22
C VAL C 163 -19.55 -16.00 6.76
N THR C 164 -20.51 -16.30 5.89
CA THR C 164 -21.42 -15.30 5.37
C THR C 164 -22.42 -14.84 6.43
N GLU C 165 -23.18 -13.82 6.09
CA GLU C 165 -24.29 -13.38 6.91
C GLU C 165 -25.50 -14.29 6.65
N GLN C 166 -26.50 -14.18 7.52
CA GLN C 166 -27.71 -14.99 7.35
C GLN C 166 -28.39 -14.62 6.05
N ASP C 167 -28.64 -15.61 5.21
CA ASP C 167 -29.17 -15.31 3.88
C ASP C 167 -30.63 -14.83 3.97
N SER C 168 -31.00 -14.01 2.99
CA SER C 168 -32.28 -13.31 3.04
C SER C 168 -33.47 -14.27 3.00
N LYS C 169 -33.36 -15.39 2.28
CA LYS C 169 -34.52 -16.26 2.09
C LYS C 169 -34.52 -17.48 3.01
N ASP C 170 -33.45 -18.30 3.00
CA ASP C 170 -33.44 -19.51 3.80
C ASP C 170 -32.94 -19.27 5.22
N SER C 171 -32.41 -18.08 5.52
CA SER C 171 -31.86 -17.77 6.83
C SER C 171 -30.74 -18.74 7.20
N THR C 172 -30.00 -19.17 6.19
CA THR C 172 -28.92 -20.13 6.36
C THR C 172 -27.57 -19.42 6.31
N TYR C 173 -26.52 -20.18 6.61
CA TYR C 173 -25.16 -19.67 6.62
C TYR C 173 -24.28 -20.54 5.74
N SER C 174 -23.21 -19.94 5.23
CA SER C 174 -22.19 -20.64 4.47
C SER C 174 -20.83 -20.25 5.02
N LEU C 175 -19.94 -21.23 5.10
CA LEU C 175 -18.62 -21.04 5.66
C LEU C 175 -17.55 -21.44 4.66
N SER C 176 -16.43 -20.74 4.73
CA SER C 176 -15.27 -21.01 3.90
C SER C 176 -14.05 -21.13 4.81
N SER C 177 -13.34 -22.24 4.69
CA SER C 177 -12.12 -22.48 5.43
C SER C 177 -10.99 -22.60 4.43
N THR C 178 -9.91 -21.87 4.65
CA THR C 178 -8.79 -21.86 3.72
C THR C 178 -7.54 -22.32 4.45
N LEU C 179 -6.92 -23.36 3.92
CA LEU C 179 -5.66 -23.87 4.44
C LEU C 179 -4.55 -23.46 3.47
N THR C 180 -3.56 -22.75 3.98
CA THR C 180 -2.53 -22.15 3.14
C THR C 180 -1.19 -22.72 3.57
N LEU C 181 -0.49 -23.32 2.63
CA LEU C 181 0.84 -23.86 2.87
C LEU C 181 1.77 -23.40 1.77
N SER C 182 3.06 -23.54 2.02
CA SER C 182 4.03 -23.33 0.98
C SER C 182 3.99 -24.52 0.03
N LYS C 183 4.47 -24.30 -1.20
CA LYS C 183 4.53 -25.38 -2.17
C LYS C 183 5.46 -26.47 -1.65
N ALA C 184 6.49 -26.07 -0.91
CA ALA C 184 7.38 -27.04 -0.28
C ALA C 184 6.62 -27.94 0.68
N ASP C 185 5.83 -27.33 1.59
CA ASP C 185 5.07 -28.13 2.54
C ASP C 185 3.99 -28.94 1.85
N TYR C 186 3.34 -28.34 0.84
CA TYR C 186 2.31 -29.08 0.11
C TYR C 186 2.88 -30.30 -0.59
N GLU C 187 4.14 -30.23 -1.05
CA GLU C 187 4.75 -31.38 -1.71
C GLU C 187 4.89 -32.57 -0.76
N LYS C 188 5.17 -32.31 0.51
CA LYS C 188 5.59 -33.36 1.43
C LYS C 188 4.52 -34.43 1.66
N HIS C 189 3.24 -34.09 1.47
CA HIS C 189 2.17 -35.02 1.79
C HIS C 189 1.25 -35.22 0.60
N LYS C 190 0.36 -36.20 0.75
CA LYS C 190 -0.45 -36.71 -0.35
C LYS C 190 -1.94 -36.51 -0.14
N VAL C 191 -2.47 -36.93 1.01
CA VAL C 191 -3.90 -36.92 1.26
C VAL C 191 -4.27 -35.67 2.05
N TYR C 192 -5.20 -34.89 1.51
CA TYR C 192 -5.67 -33.68 2.16
C TYR C 192 -7.16 -33.86 2.44
N ALA C 193 -7.54 -33.75 3.71
CA ALA C 193 -8.90 -34.03 4.16
C ALA C 193 -9.44 -32.89 5.01
N CYS C 194 -10.71 -32.59 4.78
CA CYS C 194 -11.47 -31.62 5.56
C CYS C 194 -12.58 -32.39 6.27
N GLU C 195 -12.63 -32.26 7.59
CA GLU C 195 -13.58 -32.99 8.42
C GLU C 195 -14.50 -32.00 9.13
N VAL C 196 -15.80 -32.18 8.95
CA VAL C 196 -16.80 -31.20 9.39
C VAL C 196 -17.73 -31.89 10.38
N THR C 197 -17.89 -31.27 11.55
CA THR C 197 -18.83 -31.72 12.56
C THR C 197 -19.90 -30.66 12.74
N HIS C 198 -21.16 -31.06 12.62
CA HIS C 198 -22.27 -30.15 12.76
C HIS C 198 -23.42 -30.92 13.40
N GLN C 199 -24.20 -30.22 14.23
CA GLN C 199 -25.37 -30.87 14.80
C GLN C 199 -26.36 -31.39 13.78
N GLY C 200 -26.46 -30.77 12.60
CA GLY C 200 -27.32 -31.40 11.62
C GLY C 200 -26.77 -32.70 11.06
N LEU C 201 -25.54 -33.08 11.43
CA LEU C 201 -24.87 -34.28 10.92
C LEU C 201 -24.86 -35.36 12.00
N SER C 202 -25.29 -36.57 11.63
CA SER C 202 -25.23 -37.69 12.56
C SER C 202 -23.80 -38.01 12.93
N SER C 203 -22.91 -38.03 11.96
CA SER C 203 -21.48 -38.24 12.13
C SER C 203 -20.72 -37.21 11.32
N PRO C 204 -19.47 -36.93 11.70
CA PRO C 204 -18.68 -35.95 10.94
C PRO C 204 -18.49 -36.38 9.49
N VAL C 205 -18.52 -35.42 8.58
CA VAL C 205 -18.39 -35.66 7.15
C VAL C 205 -16.96 -35.28 6.75
N THR C 206 -16.26 -36.20 6.11
CA THR C 206 -14.89 -35.99 5.68
C THR C 206 -14.84 -36.02 4.16
N LYS C 207 -14.38 -34.93 3.57
CA LYS C 207 -14.10 -34.88 2.14
C LYS C 207 -12.61 -34.73 1.94
N SER C 208 -12.06 -35.43 0.95
CA SER C 208 -10.61 -35.48 0.82
C SER C 208 -10.22 -35.61 -0.65
N PHE C 209 -8.92 -35.44 -0.90
CA PHE C 209 -8.35 -35.69 -2.22
C PHE C 209 -6.89 -36.08 -2.05
N ASN C 210 -6.34 -36.71 -3.10
CA ASN C 210 -4.93 -37.06 -3.14
C ASN C 210 -4.21 -36.10 -4.09
N ARG C 211 -3.14 -35.52 -3.60
CA ARG C 211 -2.37 -34.55 -4.36
C ARG C 211 -1.87 -35.15 -5.66
N GLY C 212 -2.14 -34.46 -6.77
CA GLY C 212 -1.75 -34.91 -8.08
C GLY C 212 -2.86 -35.60 -8.85
N GLU C 213 -3.89 -36.09 -8.17
CA GLU C 213 -5.02 -36.75 -8.83
C GLU C 213 -6.19 -35.80 -8.98
N GLU D 1 39.49 11.30 -23.61
CA GLU D 1 39.68 12.72 -23.95
C GLU D 1 38.35 13.49 -23.91
N VAL D 2 37.28 12.88 -24.41
CA VAL D 2 35.96 13.49 -24.36
C VAL D 2 35.21 12.94 -23.15
N GLN D 3 34.84 13.83 -22.23
CA GLN D 3 34.32 13.45 -20.93
C GLN D 3 33.06 14.23 -20.59
N LEU D 4 32.10 13.52 -20.01
CA LEU D 4 30.83 14.08 -19.56
C LEU D 4 30.73 13.90 -18.06
N VAL D 5 30.43 14.96 -17.32
CA VAL D 5 30.25 14.82 -15.87
C VAL D 5 28.90 15.38 -15.46
N GLU D 6 28.13 14.56 -14.74
CA GLU D 6 26.81 14.94 -14.24
C GLU D 6 26.94 15.61 -12.88
N THR D 7 26.12 16.64 -12.67
CA THR D 7 26.03 17.31 -11.38
C THR D 7 24.56 17.50 -11.06
N GLY D 8 24.20 17.26 -9.80
CA GLY D 8 22.85 17.41 -9.35
C GLY D 8 22.77 17.36 -7.84
N PRO D 9 21.56 17.30 -7.31
CA PRO D 9 21.41 17.11 -5.87
C PRO D 9 21.47 15.63 -5.54
N GLY D 10 21.93 15.33 -4.34
CA GLY D 10 21.88 13.96 -3.89
C GLY D 10 20.46 13.63 -3.48
N LEU D 11 19.93 14.42 -2.55
CA LEU D 11 18.60 14.22 -2.00
C LEU D 11 17.64 15.24 -2.60
N MET D 12 16.57 14.76 -3.20
CA MET D 12 15.46 15.55 -3.68
C MET D 12 14.24 15.12 -2.89
N LYS D 13 13.47 16.07 -2.38
CA LYS D 13 12.28 15.74 -1.60
C LYS D 13 11.03 15.78 -2.47
N THR D 14 10.06 14.91 -2.16
CA THR D 14 9.03 14.49 -3.09
C THR D 14 8.26 15.68 -3.68
N SER D 15 7.90 15.55 -4.97
CA SER D 15 7.10 16.50 -5.72
C SER D 15 7.84 17.81 -6.00
N GLY D 16 9.14 17.85 -5.76
CA GLY D 16 9.96 18.98 -6.15
C GLY D 16 10.42 18.87 -7.58
N THR D 17 11.41 19.69 -7.93
CA THR D 17 11.96 19.73 -9.28
C THR D 17 13.39 19.21 -9.23
N LEU D 18 13.61 18.07 -9.87
CA LEU D 18 14.94 17.51 -10.04
C LEU D 18 15.65 18.24 -11.19
N SER D 19 16.87 18.70 -10.93
CA SER D 19 17.63 19.43 -11.95
C SER D 19 19.06 18.91 -11.99
N LEU D 20 19.48 18.43 -13.15
CA LEU D 20 20.84 17.95 -13.37
C LEU D 20 21.47 18.68 -14.55
N THR D 21 22.78 18.87 -14.48
CA THR D 21 23.54 19.42 -15.61
C THR D 21 24.71 18.52 -15.95
N CYS D 22 24.88 18.26 -17.24
CA CYS D 22 26.04 17.57 -17.78
C CYS D 22 27.00 18.62 -18.33
N ALA D 23 28.23 18.59 -17.83
CA ALA D 23 29.33 19.40 -18.34
C ALA D 23 30.13 18.56 -19.32
N VAL D 24 30.22 19.04 -20.56
CA VAL D 24 30.97 18.39 -21.63
C VAL D 24 32.36 18.98 -21.66
N SER D 25 33.37 18.12 -21.81
CA SER D 25 34.75 18.54 -21.94
C SER D 25 35.40 17.76 -23.07
N GLY D 26 36.11 18.46 -23.96
CA GLY D 26 36.71 17.82 -25.11
C GLY D 26 35.83 17.74 -26.32
N ASP D 27 34.65 18.37 -26.29
CA ASP D 27 33.77 18.44 -27.44
C ASP D 27 32.82 19.60 -27.22
N TYR D 28 32.35 20.18 -28.33
CA TYR D 28 31.46 21.34 -28.30
C TYR D 28 30.03 20.85 -28.37
N VAL D 29 29.15 21.43 -27.54
CA VAL D 29 27.77 20.96 -27.53
C VAL D 29 27.05 21.37 -28.80
N ASN D 30 27.48 22.48 -29.42
CA ASN D 30 26.87 22.94 -30.68
C ASN D 30 27.52 22.22 -31.86
N THR D 31 27.16 20.95 -32.01
CA THR D 31 27.71 20.07 -33.03
C THR D 31 26.62 19.10 -33.49
N ASN D 32 26.95 18.27 -34.47
CA ASN D 32 26.02 17.26 -34.96
C ASN D 32 26.02 16.06 -34.01
N ARG D 33 25.58 16.33 -32.78
CA ARG D 33 25.39 15.29 -31.79
C ARG D 33 23.98 15.39 -31.23
N ARG D 34 23.57 14.32 -30.57
CA ARG D 34 22.33 14.30 -29.81
C ARG D 34 22.72 14.11 -28.35
N TRP D 35 22.44 15.11 -27.52
CA TRP D 35 22.80 15.03 -26.11
C TRP D 35 21.64 14.42 -25.33
N SER D 36 21.90 13.29 -24.67
CA SER D 36 20.84 12.43 -24.17
C SER D 36 20.95 12.24 -22.66
N TRP D 37 19.86 11.78 -22.07
CA TRP D 37 19.83 11.38 -20.67
C TRP D 37 19.30 9.95 -20.56
N VAL D 38 19.95 9.16 -19.71
CA VAL D 38 19.54 7.80 -19.40
C VAL D 38 19.45 7.66 -17.89
N ARG D 39 18.50 6.87 -17.42
CA ARG D 39 18.39 6.60 -16.00
C ARG D 39 18.30 5.11 -15.73
N GLN D 40 18.70 4.73 -14.52
CA GLN D 40 18.69 3.32 -14.12
C GLN D 40 18.33 3.27 -12.64
N ALA D 41 17.09 2.86 -12.35
CA ALA D 41 16.66 2.67 -10.98
C ALA D 41 17.45 1.52 -10.34
N PRO D 42 17.52 1.47 -9.00
CA PRO D 42 18.25 0.39 -8.33
C PRO D 42 17.84 -0.99 -8.80
N GLY D 43 18.75 -1.68 -9.50
CA GLY D 43 18.50 -3.01 -10.03
C GLY D 43 17.30 -3.11 -10.94
N LYS D 44 17.18 -2.21 -11.91
CA LYS D 44 16.00 -2.17 -12.77
C LYS D 44 16.29 -2.08 -14.26
N GLY D 45 17.53 -1.84 -14.67
CA GLY D 45 17.83 -1.69 -16.07
C GLY D 45 17.84 -0.24 -16.53
N LEU D 46 18.35 -0.04 -17.74
CA LEU D 46 18.51 1.30 -18.29
C LEU D 46 17.23 1.80 -18.94
N GLU D 47 16.89 3.05 -18.66
CA GLU D 47 15.67 3.69 -19.13
C GLU D 47 16.04 4.96 -19.88
N TRP D 48 15.66 5.05 -21.15
CA TRP D 48 15.94 6.23 -21.95
C TRP D 48 14.95 7.34 -21.59
N ILE D 49 15.49 8.53 -21.30
CA ILE D 49 14.67 9.65 -20.86
C ILE D 49 14.38 10.59 -22.03
N GLY D 50 15.43 11.13 -22.64
CA GLY D 50 15.23 12.07 -23.72
C GLY D 50 16.56 12.52 -24.30
N GLU D 51 16.45 13.44 -25.25
CA GLU D 51 17.60 13.93 -26.01
C GLU D 51 17.27 15.31 -26.57
N VAL D 52 18.31 16.03 -26.90
CA VAL D 52 18.19 17.32 -27.59
C VAL D 52 19.19 17.37 -28.74
N HIS D 53 18.76 17.95 -29.85
CA HIS D 53 19.54 18.04 -31.07
C HIS D 53 20.16 19.43 -31.20
N GLN D 54 21.02 19.58 -32.21
CA GLN D 54 21.66 20.86 -32.42
C GLN D 54 20.66 21.96 -32.73
N SER D 55 19.56 21.62 -33.40
CA SER D 55 18.54 22.59 -33.76
C SER D 55 17.69 23.06 -32.58
N GLY D 56 17.96 22.56 -31.38
CA GLY D 56 17.13 22.88 -30.23
C GLY D 56 15.94 21.95 -30.04
N ARG D 57 15.62 21.12 -31.03
CA ARG D 57 14.51 20.19 -30.90
C ARG D 57 14.81 19.18 -29.81
N THR D 58 13.76 18.84 -29.05
CA THR D 58 13.86 17.85 -27.98
C THR D 58 12.99 16.65 -28.30
N ASN D 59 13.35 15.52 -27.71
CA ASN D 59 12.57 14.30 -27.82
C ASN D 59 12.62 13.60 -26.47
N TYR D 60 11.45 13.35 -25.88
CA TYR D 60 11.38 12.71 -24.57
C TYR D 60 10.67 11.38 -24.67
N ASN D 61 11.07 10.45 -23.81
CA ASN D 61 10.37 9.18 -23.71
C ASN D 61 8.90 9.43 -23.43
N PRO D 62 7.99 8.95 -24.27
CA PRO D 62 6.56 9.29 -24.10
C PRO D 62 5.98 8.88 -22.75
N SER D 63 6.73 8.14 -21.92
CA SER D 63 6.26 7.83 -20.59
C SER D 63 6.27 9.06 -19.69
N LEU D 64 7.26 9.94 -19.86
CA LEU D 64 7.45 11.09 -18.98
C LEU D 64 7.42 12.42 -19.71
N LYS D 65 6.92 12.46 -20.95
CA LYS D 65 6.99 13.68 -21.76
C LYS D 65 6.45 14.90 -21.02
N SER D 66 5.48 14.70 -20.13
CA SER D 66 4.87 15.82 -19.42
C SER D 66 5.83 16.47 -18.44
N ARG D 67 6.72 15.70 -17.82
CA ARG D 67 7.47 16.17 -16.66
C ARG D 67 8.93 16.49 -16.92
N VAL D 68 9.48 16.10 -18.07
CA VAL D 68 10.90 16.31 -18.36
C VAL D 68 11.06 17.40 -19.39
N THR D 69 12.15 18.16 -19.24
CA THR D 69 12.62 19.08 -20.28
C THR D 69 14.14 19.04 -20.29
N ILE D 70 14.71 19.06 -21.48
CA ILE D 70 16.16 19.00 -21.68
C ILE D 70 16.56 20.23 -22.49
N SER D 71 17.64 20.89 -22.09
CA SER D 71 18.04 22.12 -22.76
C SER D 71 19.55 22.19 -22.87
N VAL D 72 20.03 23.09 -23.73
CA VAL D 72 21.46 23.24 -24.00
C VAL D 72 21.88 24.68 -23.78
N ASP D 73 23.05 24.86 -23.19
CA ASP D 73 23.74 26.14 -23.12
C ASP D 73 25.10 25.97 -23.78
N LYS D 74 25.32 26.71 -24.88
CA LYS D 74 26.61 26.69 -25.54
C LYS D 74 27.65 27.49 -24.78
N SER D 75 27.22 28.56 -24.10
CA SER D 75 28.16 29.46 -23.44
C SER D 75 28.98 28.75 -22.36
N LYS D 76 28.40 27.79 -21.65
CA LYS D 76 29.15 26.99 -20.70
C LYS D 76 29.39 25.57 -21.18
N ASN D 77 29.07 25.28 -22.44
CA ASN D 77 29.27 23.97 -23.04
C ASN D 77 28.68 22.87 -22.16
N GLN D 78 27.39 23.01 -21.88
CA GLN D 78 26.74 22.04 -21.01
C GLN D 78 25.27 21.93 -21.39
N PHE D 79 24.65 20.81 -20.99
CA PHE D 79 23.23 20.65 -21.23
C PHE D 79 22.59 20.04 -19.99
N SER D 80 21.29 20.30 -19.82
CA SER D 80 20.64 20.01 -18.55
C SER D 80 19.36 19.24 -18.77
N LEU D 81 18.94 18.56 -17.70
CA LEU D 81 17.66 17.87 -17.61
C LEU D 81 16.94 18.37 -16.37
N LYS D 82 15.65 18.65 -16.51
CA LYS D 82 14.81 19.01 -15.38
C LYS D 82 13.57 18.14 -15.42
N VAL D 83 13.19 17.61 -14.25
CA VAL D 83 12.06 16.72 -14.10
C VAL D 83 11.16 17.28 -13.01
N ASP D 84 9.88 17.45 -13.32
CA ASP D 84 8.95 18.12 -12.42
C ASP D 84 8.14 17.10 -11.64
N SER D 85 7.79 17.46 -10.41
CA SER D 85 6.88 16.69 -9.55
C SER D 85 7.35 15.24 -9.43
N VAL D 86 8.51 15.06 -8.82
CA VAL D 86 9.19 13.78 -8.84
C VAL D 86 8.58 12.85 -7.80
N THR D 87 8.35 11.60 -8.19
CA THR D 87 7.87 10.58 -7.29
C THR D 87 9.05 9.97 -6.54
N ALA D 88 8.79 8.92 -5.76
CA ALA D 88 9.88 8.12 -5.21
C ALA D 88 10.42 7.13 -6.23
N ALA D 89 9.61 6.76 -7.23
CA ALA D 89 10.12 6.01 -8.36
C ALA D 89 11.13 6.79 -9.18
N ASP D 90 11.30 8.08 -8.91
CA ASP D 90 12.29 8.86 -9.64
C ASP D 90 13.70 8.68 -9.08
N THR D 91 13.86 7.85 -8.06
CA THR D 91 15.16 7.49 -7.52
C THR D 91 15.92 6.61 -8.50
N ALA D 92 17.12 7.04 -8.89
CA ALA D 92 17.89 6.29 -9.88
C ALA D 92 19.29 6.87 -9.99
N VAL D 93 20.16 6.11 -10.66
CA VAL D 93 21.39 6.68 -11.19
C VAL D 93 21.07 7.36 -12.52
N TYR D 94 21.52 8.60 -12.67
CA TYR D 94 21.27 9.38 -13.88
C TYR D 94 22.59 9.57 -14.64
N TYR D 95 22.60 9.16 -15.89
CA TYR D 95 23.72 9.35 -16.80
C TYR D 95 23.36 10.39 -17.86
N CYS D 96 24.30 11.27 -18.15
CA CYS D 96 24.23 12.02 -19.40
C CYS D 96 25.05 11.27 -20.44
N ALA D 97 24.67 11.44 -21.71
CA ALA D 97 25.27 10.67 -22.78
C ALA D 97 25.38 11.51 -24.04
N ARG D 98 26.25 11.08 -24.94
CA ARG D 98 26.38 11.66 -26.27
C ARG D 98 26.08 10.61 -27.33
N ALA D 99 25.01 10.83 -28.09
CA ALA D 99 24.71 10.02 -29.25
C ALA D 99 25.35 10.65 -30.49
N SER D 100 26.12 9.85 -31.22
CA SER D 100 26.89 10.32 -32.36
C SER D 100 26.52 9.55 -33.62
N PRO D 101 26.58 10.18 -34.77
CA PRO D 101 26.31 9.46 -36.04
C PRO D 101 27.54 8.68 -36.51
N LEU D 102 27.77 7.55 -35.86
CA LEU D 102 28.94 6.73 -36.15
C LEU D 102 28.82 6.05 -37.51
N LYS D 103 29.93 5.95 -38.22
CA LYS D 103 29.92 5.34 -39.55
C LYS D 103 31.24 4.64 -39.82
N SER D 104 31.15 3.40 -40.30
CA SER D 104 32.30 2.65 -40.82
C SER D 104 31.83 1.36 -41.48
N ASP D 109 37.30 6.90 -49.16
CA ASP D 109 37.10 7.42 -50.51
C ASP D 109 36.19 8.64 -50.49
N LEU D 110 35.14 8.61 -51.31
CA LEU D 110 34.05 9.58 -51.24
C LEU D 110 32.91 8.99 -50.45
N PRO D 111 32.84 9.23 -49.14
CA PRO D 111 31.82 8.56 -48.33
C PRO D 111 30.42 8.99 -48.72
N ARG D 112 29.45 8.16 -48.38
CA ARG D 112 28.07 8.44 -48.74
C ARG D 112 27.51 9.52 -47.82
N PRO D 113 26.93 10.58 -48.37
CA PRO D 113 26.49 11.71 -47.55
C PRO D 113 25.19 11.37 -46.83
N SER D 114 24.77 12.29 -45.97
CA SER D 114 23.54 12.15 -45.21
C SER D 114 22.65 13.35 -45.42
N ILE D 115 21.34 13.13 -45.26
CA ILE D 115 20.34 14.19 -45.29
C ILE D 115 19.55 14.15 -44.00
N SER D 116 19.28 15.33 -43.44
CA SER D 116 18.53 15.45 -42.20
C SER D 116 17.55 16.60 -42.34
N ALA D 117 16.53 16.60 -41.50
CA ALA D 117 15.50 17.63 -41.50
C ALA D 117 15.52 18.39 -40.20
N GLU D 118 15.30 19.71 -40.30
CA GLU D 118 15.19 20.59 -39.15
C GLU D 118 13.97 21.49 -39.37
N PRO D 119 13.05 21.57 -38.41
CA PRO D 119 13.08 20.92 -37.10
C PRO D 119 12.66 19.44 -37.11
N GLY D 120 12.00 19.00 -38.18
CA GLY D 120 11.57 17.61 -38.24
C GLY D 120 11.08 17.23 -39.62
N THR D 121 10.54 16.03 -39.72
CA THR D 121 10.01 15.51 -40.98
C THR D 121 8.53 15.77 -41.16
N VAL D 122 7.78 15.97 -40.08
CA VAL D 122 6.36 16.27 -40.15
C VAL D 122 6.20 17.74 -39.85
N ILE D 123 5.83 18.53 -40.88
CA ILE D 123 5.78 19.97 -40.78
C ILE D 123 4.33 20.43 -40.97
N PRO D 124 3.81 21.30 -40.10
CA PRO D 124 2.49 21.90 -40.36
C PRO D 124 2.54 22.77 -41.62
N LEU D 125 1.40 22.85 -42.29
CA LEU D 125 1.34 23.60 -43.54
C LEU D 125 1.65 25.07 -43.31
N GLY D 126 2.46 25.65 -44.20
CA GLY D 126 2.86 27.04 -44.11
C GLY D 126 4.09 27.31 -43.29
N SER D 127 4.65 26.31 -42.63
CA SER D 127 5.82 26.46 -41.78
C SER D 127 7.08 26.14 -42.57
N HIS D 128 8.22 26.54 -42.01
CA HIS D 128 9.49 26.34 -42.69
C HIS D 128 10.10 24.99 -42.32
N VAL D 129 10.82 24.41 -43.28
CA VAL D 129 11.60 23.20 -43.03
C VAL D 129 12.92 23.35 -43.78
N THR D 130 13.97 22.75 -43.21
CA THR D 130 15.32 22.89 -43.73
C THR D 130 15.93 21.51 -43.87
N PHE D 131 16.30 21.13 -45.09
CA PHE D 131 17.11 19.96 -45.33
C PHE D 131 18.57 20.32 -45.14
N VAL D 132 19.30 19.42 -44.49
CA VAL D 132 20.73 19.57 -44.26
C VAL D 132 21.42 18.39 -44.94
N CYS D 133 22.24 18.70 -45.94
CA CYS D 133 23.09 17.70 -46.59
C CYS D 133 24.49 17.81 -46.01
N ARG D 134 25.03 16.69 -45.54
CA ARG D 134 26.39 16.69 -45.01
C ARG D 134 27.21 15.59 -45.65
N GLY D 135 28.50 15.89 -45.85
CA GLY D 135 29.46 14.94 -46.35
C GLY D 135 30.87 15.32 -45.94
N PRO D 136 31.86 14.80 -46.65
CA PRO D 136 33.26 15.05 -46.26
C PRO D 136 33.65 16.50 -46.50
N VAL D 137 34.85 16.84 -46.03
CA VAL D 137 35.38 18.19 -46.20
C VAL D 137 35.89 18.34 -47.64
N GLY D 138 35.73 19.54 -48.19
CA GLY D 138 36.19 19.81 -49.53
C GLY D 138 35.17 19.64 -50.62
N VAL D 139 33.89 19.70 -50.29
CA VAL D 139 32.82 19.48 -51.25
C VAL D 139 32.58 20.78 -52.03
N GLN D 140 32.65 20.69 -53.36
CA GLN D 140 32.46 21.88 -54.18
C GLN D 140 30.98 22.18 -54.40
N THR D 141 30.16 21.14 -54.60
CA THR D 141 28.75 21.34 -54.86
C THR D 141 27.92 20.37 -54.03
N PHE D 142 26.78 20.84 -53.56
CA PHE D 142 25.78 19.97 -52.95
C PHE D 142 24.49 20.10 -53.76
N ARG D 143 23.84 18.98 -54.01
CA ARG D 143 22.59 18.98 -54.75
C ARG D 143 21.55 18.15 -54.00
N LEU D 144 20.36 18.73 -53.88
CA LEU D 144 19.21 18.11 -53.23
C LEU D 144 18.22 17.64 -54.29
N GLU D 145 17.70 16.42 -54.12
CA GLU D 145 16.80 15.84 -55.10
C GLU D 145 15.55 15.29 -54.41
N ARG D 146 14.42 15.40 -55.11
CA ARG D 146 13.18 14.75 -54.74
C ARG D 146 12.85 13.69 -55.77
N GLU D 147 12.53 12.48 -55.28
CA GLU D 147 12.44 11.27 -56.09
C GLU D 147 11.35 11.31 -57.16
N ARG D 148 10.07 11.31 -56.74
CA ARG D 148 8.96 11.25 -57.68
C ARG D 148 8.36 12.62 -57.88
N ASN D 149 8.00 12.93 -59.13
CA ASN D 149 7.95 14.32 -59.60
C ASN D 149 9.29 15.00 -59.29
N TYR D 150 10.28 14.48 -60.00
CA TYR D 150 11.69 14.73 -59.72
C TYR D 150 12.00 16.21 -59.61
N LEU D 151 12.68 16.58 -58.53
CA LEU D 151 13.14 17.94 -58.35
C LEU D 151 14.62 17.90 -58.00
N TYR D 152 15.32 18.98 -58.30
CA TYR D 152 16.70 19.10 -57.88
C TYR D 152 17.04 20.57 -57.70
N SER D 153 18.01 20.82 -56.82
CA SER D 153 18.51 22.16 -56.58
C SER D 153 19.97 22.05 -56.18
N ASP D 154 20.80 22.92 -56.76
CA ASP D 154 22.23 22.94 -56.47
C ASP D 154 22.54 24.16 -55.61
N THR D 155 23.38 23.95 -54.61
CA THR D 155 23.99 25.03 -53.85
C THR D 155 25.48 24.75 -53.75
N GLU D 156 26.28 25.80 -53.87
CA GLU D 156 27.71 25.72 -53.62
C GLU D 156 28.11 26.64 -52.46
N ASP D 157 27.13 27.16 -51.74
CA ASP D 157 27.34 27.73 -50.41
C ASP D 157 27.56 26.58 -49.43
N VAL D 158 28.80 26.16 -49.27
CA VAL D 158 29.17 25.04 -48.42
C VAL D 158 30.16 25.51 -47.38
N SER D 159 29.92 25.16 -46.12
CA SER D 159 30.79 25.56 -45.02
C SER D 159 31.25 24.34 -44.24
N GLN D 160 32.45 24.43 -43.69
CA GLN D 160 33.01 23.38 -42.86
C GLN D 160 32.43 23.47 -41.46
N THR D 161 31.75 22.42 -41.03
CA THR D 161 31.37 22.30 -39.62
C THR D 161 32.43 21.58 -38.81
N SER D 162 33.17 20.67 -39.45
CA SER D 162 34.24 19.94 -38.80
C SER D 162 35.41 19.84 -39.77
N PRO D 163 36.64 19.74 -39.26
CA PRO D 163 37.80 19.56 -40.15
C PRO D 163 37.71 18.29 -40.99
N SER D 164 36.63 17.52 -40.80
CA SER D 164 36.38 16.34 -41.61
C SER D 164 34.96 16.31 -42.18
N GLU D 165 34.14 17.33 -41.94
CA GLU D 165 32.76 17.33 -42.42
C GLU D 165 32.37 18.72 -42.88
N SER D 166 31.72 18.78 -44.05
CA SER D 166 31.12 19.98 -44.58
C SER D 166 29.63 19.73 -44.81
N GLU D 167 28.87 20.81 -44.91
CA GLU D 167 27.42 20.70 -45.04
C GLU D 167 26.85 21.87 -45.82
N ALA D 168 25.61 21.71 -46.27
CA ALA D 168 24.86 22.74 -46.96
C ALA D 168 23.38 22.59 -46.59
N ARG D 169 22.66 23.71 -46.61
CA ARG D 169 21.27 23.75 -46.15
C ARG D 169 20.36 24.29 -47.24
N PHE D 170 19.22 23.62 -47.43
CA PHE D 170 18.17 24.05 -48.33
C PHE D 170 16.90 24.29 -47.52
N ARG D 171 16.35 25.50 -47.63
CA ARG D 171 15.21 25.90 -46.81
C ARG D 171 13.98 26.12 -47.67
N ILE D 172 12.89 25.45 -47.32
CA ILE D 172 11.56 25.74 -47.84
C ILE D 172 10.86 26.59 -46.79
N ASP D 173 10.49 27.82 -47.16
CA ASP D 173 10.03 28.80 -46.18
C ASP D 173 8.57 28.59 -45.81
N SER D 174 7.73 28.21 -46.77
CA SER D 174 6.31 27.97 -46.53
C SER D 174 5.94 26.67 -47.23
N VAL D 175 5.91 25.57 -46.48
CA VAL D 175 5.68 24.26 -47.08
C VAL D 175 4.21 24.11 -47.44
N ASN D 176 3.95 23.61 -48.64
CA ASN D 176 2.61 23.30 -49.09
C ASN D 176 2.51 21.79 -49.36
N ALA D 177 1.29 21.35 -49.70
CA ALA D 177 1.05 19.92 -49.90
C ALA D 177 1.91 19.36 -51.02
N GLY D 178 2.23 20.15 -52.04
CA GLY D 178 3.05 19.67 -53.14
C GLY D 178 4.52 19.47 -52.80
N ASN D 179 4.94 19.82 -51.59
CA ASN D 179 6.35 19.66 -51.21
C ASN D 179 6.66 18.31 -50.60
N ALA D 180 5.65 17.54 -50.22
CA ALA D 180 5.88 16.23 -49.59
C ALA D 180 6.61 15.30 -50.54
N GLY D 181 7.29 14.33 -49.97
CA GLY D 181 7.95 13.32 -50.78
C GLY D 181 9.29 12.92 -50.20
N LEU D 182 9.97 12.03 -50.93
CA LEU D 182 11.26 11.50 -50.50
C LEU D 182 12.39 12.37 -51.05
N PHE D 183 13.34 12.71 -50.18
CA PHE D 183 14.43 13.59 -50.55
C PHE D 183 15.77 12.92 -50.26
N ARG D 184 16.76 13.23 -51.11
CA ARG D 184 18.10 12.70 -50.96
C ARG D 184 19.11 13.79 -51.30
N CYS D 185 20.35 13.60 -50.87
CA CYS D 185 21.45 14.49 -51.19
C CYS D 185 22.51 13.77 -52.01
N ILE D 186 23.24 14.53 -52.82
CA ILE D 186 24.50 14.07 -53.38
C ILE D 186 25.43 15.27 -53.46
N TYR D 187 26.73 15.01 -53.42
CA TYR D 187 27.70 16.07 -53.48
C TYR D 187 28.71 15.82 -54.60
N TYR D 188 29.26 16.90 -55.12
CA TYR D 188 30.27 16.92 -56.17
C TYR D 188 31.55 17.44 -55.55
N LYS D 189 32.58 16.59 -55.53
CA LYS D 189 33.90 16.95 -54.96
C LYS D 189 34.98 16.30 -55.82
N SER D 190 36.08 17.01 -56.07
CA SER D 190 37.23 16.44 -56.82
C SER D 190 36.77 15.91 -58.17
N ARG D 191 35.90 16.66 -58.82
CA ARG D 191 35.44 16.29 -60.17
C ARG D 191 34.79 14.92 -60.14
N LYS D 192 34.03 14.65 -59.09
CA LYS D 192 33.35 13.36 -58.99
C LYS D 192 32.09 13.50 -58.14
N TRP D 193 30.98 12.94 -58.62
CA TRP D 193 29.77 12.84 -57.82
C TRP D 193 29.88 11.64 -56.89
N SER D 194 29.36 11.79 -55.68
CA SER D 194 29.32 10.71 -54.71
C SER D 194 28.13 9.79 -54.96
N GLU D 195 28.05 8.75 -54.15
CA GLU D 195 26.87 7.88 -54.16
C GLU D 195 25.69 8.63 -53.54
N GLN D 196 24.48 8.25 -53.94
CA GLN D 196 23.30 8.91 -53.42
C GLN D 196 23.12 8.60 -51.94
N SER D 197 22.50 9.53 -51.24
CA SER D 197 22.11 9.25 -49.86
C SER D 197 20.82 8.46 -49.84
N ASP D 198 20.54 7.85 -48.70
CA ASP D 198 19.25 7.18 -48.52
C ASP D 198 18.15 8.24 -48.46
N TYR D 199 16.93 7.80 -48.77
CA TYR D 199 15.82 8.73 -48.86
C TYR D 199 15.31 9.09 -47.46
N LEU D 200 14.82 10.32 -47.35
CA LEU D 200 14.19 10.84 -46.14
C LEU D 200 12.79 11.31 -46.51
N GLU D 201 11.78 10.77 -45.84
CA GLU D 201 10.41 11.13 -46.15
C GLU D 201 10.04 12.46 -45.50
N LEU D 202 9.47 13.37 -46.29
CA LEU D 202 8.91 14.62 -45.79
C LEU D 202 7.39 14.55 -45.90
N VAL D 203 6.72 14.61 -44.75
CA VAL D 203 5.28 14.54 -44.64
C VAL D 203 4.77 15.90 -44.21
N VAL D 204 3.67 16.35 -44.82
CA VAL D 204 3.05 17.63 -44.52
C VAL D 204 1.67 17.35 -43.91
N LYS D 205 1.48 17.78 -42.67
CA LYS D 205 0.20 17.60 -41.97
C LYS D 205 -0.23 18.88 -41.26
N ALA D 222 9.34 -0.17 -42.18
CA ALA D 222 9.99 1.03 -41.67
C ALA D 222 9.54 1.33 -40.24
N CYS D 223 9.93 2.51 -39.73
CA CYS D 223 9.48 2.95 -38.42
C CYS D 223 7.96 3.04 -38.41
N PRO D 224 7.32 2.72 -37.28
CA PRO D 224 5.86 2.87 -37.18
C PRO D 224 5.47 4.33 -37.32
N GLN D 225 4.18 4.56 -37.55
CA GLN D 225 3.72 5.90 -37.93
C GLN D 225 3.62 6.81 -36.71
N GLY D 226 3.93 8.09 -36.94
CA GLY D 226 4.00 9.07 -35.88
C GLY D 226 5.37 9.29 -35.28
N GLU D 227 6.37 8.52 -35.69
CA GLU D 227 7.72 8.58 -35.12
C GLU D 227 8.77 8.46 -36.21
N LEU D 228 8.57 9.19 -37.31
CA LEU D 228 9.45 9.06 -38.47
C LEU D 228 10.84 9.60 -38.15
N PRO D 229 11.90 8.99 -38.70
CA PRO D 229 13.24 9.51 -38.45
C PRO D 229 13.45 10.83 -39.16
N ILE D 230 14.26 11.69 -38.54
CA ILE D 230 14.56 12.99 -39.12
C ILE D 230 15.94 13.02 -39.77
N SER D 231 16.58 11.88 -39.95
CA SER D 231 17.92 11.83 -40.52
C SER D 231 18.17 10.44 -41.11
N THR D 232 18.99 10.40 -42.17
CA THR D 232 19.47 9.11 -42.64
C THR D 232 20.49 8.51 -41.69
N ASP D 233 21.10 9.34 -40.84
CA ASP D 233 22.13 8.87 -39.93
C ASP D 233 21.48 8.33 -38.68
N ILE D 234 21.99 7.20 -38.21
CA ILE D 234 21.59 6.62 -36.94
C ILE D 234 22.58 7.08 -35.88
N TYR D 235 22.05 7.56 -34.75
CA TYR D 235 22.88 8.10 -33.69
C TYR D 235 22.96 7.08 -32.56
N TYR D 236 24.17 6.63 -32.26
CA TYR D 236 24.42 5.70 -31.18
C TYR D 236 25.13 6.42 -30.05
N VAL D 237 24.76 6.09 -28.81
CA VAL D 237 25.45 6.68 -27.65
C VAL D 237 26.87 6.13 -27.63
N ASP D 238 27.85 6.98 -27.91
CA ASP D 238 29.22 6.52 -27.95
C ASP D 238 30.06 6.96 -26.75
N VAL D 239 29.51 7.80 -25.87
CA VAL D 239 30.23 8.18 -24.65
C VAL D 239 29.22 8.49 -23.55
N TRP D 240 29.41 7.85 -22.40
CA TRP D 240 28.57 8.01 -21.22
C TRP D 240 29.32 8.77 -20.13
N GLY D 241 28.57 9.55 -19.35
CA GLY D 241 29.09 10.00 -18.08
C GLY D 241 29.04 8.89 -17.04
N ASN D 242 29.87 9.02 -16.00
CA ASN D 242 29.93 7.95 -15.01
C ASN D 242 28.68 7.88 -14.14
N GLY D 243 27.84 8.90 -14.16
CA GLY D 243 26.56 8.84 -13.47
C GLY D 243 26.58 9.63 -12.17
N THR D 244 25.42 10.17 -11.81
CA THR D 244 25.20 10.75 -10.50
C THR D 244 23.97 10.11 -9.87
N THR D 245 24.08 9.77 -8.59
CA THR D 245 22.98 9.09 -7.91
C THR D 245 21.99 10.11 -7.35
N VAL D 246 20.71 9.88 -7.59
CA VAL D 246 19.65 10.78 -7.13
C VAL D 246 18.65 9.96 -6.33
N THR D 247 18.41 10.36 -5.09
CA THR D 247 17.46 9.70 -4.19
C THR D 247 16.39 10.70 -3.80
N VAL D 248 15.14 10.38 -4.09
CA VAL D 248 14.00 11.24 -3.77
C VAL D 248 13.00 10.44 -2.95
N SER D 249 12.65 10.98 -1.79
CA SER D 249 11.88 10.23 -0.79
C SER D 249 10.93 11.21 -0.12
N SER D 250 10.42 10.83 1.06
CA SER D 250 9.68 11.75 1.91
C SER D 250 10.29 11.89 3.29
N ALA D 251 11.42 11.24 3.57
CA ALA D 251 11.96 11.18 4.91
C ALA D 251 12.97 12.30 5.15
N SER D 252 13.57 12.30 6.34
CA SER D 252 14.63 13.24 6.72
C SER D 252 15.75 12.46 7.39
N THR D 253 16.90 13.12 7.53
CA THR D 253 18.11 12.47 8.01
C THR D 253 17.90 11.88 9.40
N LYS D 254 18.22 10.59 9.54
CA LYS D 254 18.01 9.87 10.79
C LYS D 254 19.10 8.84 10.98
N GLY D 255 19.71 8.83 12.17
CA GLY D 255 20.76 7.90 12.48
C GLY D 255 20.27 6.49 12.65
N PRO D 256 21.15 5.52 12.46
CA PRO D 256 20.74 4.11 12.52
C PRO D 256 20.75 3.56 13.93
N SER D 257 19.85 2.61 14.17
CA SER D 257 19.93 1.76 15.35
C SER D 257 20.64 0.47 14.96
N VAL D 258 21.52 -0.01 15.83
CA VAL D 258 22.28 -1.22 15.56
C VAL D 258 21.92 -2.28 16.59
N PHE D 259 21.53 -3.46 16.12
CA PHE D 259 21.12 -4.56 16.98
C PHE D 259 21.97 -5.80 16.69
N PRO D 260 22.35 -6.57 17.70
CA PRO D 260 23.21 -7.73 17.47
C PRO D 260 22.41 -8.93 16.99
N LEU D 261 22.97 -9.62 16.00
CA LEU D 261 22.44 -10.89 15.50
C LEU D 261 23.28 -12.00 16.14
N ALA D 262 22.75 -12.55 17.25
CA ALA D 262 23.48 -13.45 18.14
C ALA D 262 23.46 -14.89 17.62
N PRO D 263 24.54 -15.63 17.78
CA PRO D 263 24.56 -17.04 17.34
C PRO D 263 23.62 -17.91 18.17
N SER D 264 23.06 -18.91 17.51
CA SER D 264 22.09 -19.80 18.15
C SER D 264 22.77 -20.72 19.16
N SER D 265 21.96 -21.31 20.03
CA SER D 265 22.48 -22.16 21.10
C SER D 265 23.24 -23.35 20.53
N LYS D 266 22.74 -23.94 19.44
CA LYS D 266 23.48 -24.96 18.71
C LYS D 266 24.42 -24.27 17.72
N GLY D 270 27.79 -28.55 9.97
CA GLY D 270 28.92 -28.96 10.79
C GLY D 270 29.33 -27.94 11.83
N GLY D 271 30.64 -27.73 11.96
CA GLY D 271 31.17 -26.79 12.92
C GLY D 271 31.42 -25.40 12.36
N THR D 272 30.36 -24.71 11.96
CA THR D 272 30.45 -23.34 11.49
C THR D 272 29.31 -22.54 12.13
N ALA D 273 29.61 -21.31 12.53
CA ALA D 273 28.62 -20.45 13.17
C ALA D 273 28.47 -19.15 12.39
N ALA D 274 27.36 -18.46 12.62
CA ALA D 274 27.07 -17.21 11.93
C ALA D 274 26.61 -16.16 12.94
N LEU D 275 27.17 -14.95 12.83
CA LEU D 275 26.77 -13.86 13.70
C LEU D 275 26.77 -12.57 12.89
N GLY D 276 25.95 -11.61 13.29
CA GLY D 276 25.82 -10.42 12.48
C GLY D 276 25.45 -9.18 13.27
N CYS D 277 25.23 -8.11 12.52
CA CYS D 277 24.74 -6.83 13.00
C CYS D 277 23.62 -6.38 12.08
N LEU D 278 22.51 -5.96 12.65
CA LEU D 278 21.38 -5.45 11.89
C LEU D 278 21.29 -3.95 12.14
N VAL D 279 21.53 -3.15 11.11
CA VAL D 279 21.42 -1.71 11.20
C VAL D 279 20.10 -1.29 10.57
N LYS D 280 19.36 -0.45 11.28
CA LYS D 280 17.92 -0.34 11.14
C LYS D 280 17.49 1.12 11.18
N ASP D 281 16.56 1.46 10.29
CA ASP D 281 15.85 2.74 10.31
C ASP D 281 16.82 3.92 10.31
N TYR D 282 17.58 4.03 9.23
CA TYR D 282 18.44 5.18 9.00
C TYR D 282 18.09 5.82 7.66
N PHE D 283 18.49 7.09 7.52
CA PHE D 283 18.32 7.78 6.25
C PHE D 283 19.26 8.97 6.20
N PRO D 284 19.94 9.21 5.08
CA PRO D 284 19.93 8.34 3.91
C PRO D 284 21.12 7.39 3.88
N GLU D 285 21.34 6.76 2.71
CA GLU D 285 22.52 5.97 2.48
C GLU D 285 23.74 6.88 2.32
N PRO D 286 24.96 6.33 2.45
CA PRO D 286 25.31 4.94 2.74
C PRO D 286 25.72 4.68 4.17
N VAL D 287 25.66 3.40 4.55
CA VAL D 287 26.25 2.90 5.78
C VAL D 287 27.24 1.81 5.40
N THR D 288 28.40 1.80 6.04
CA THR D 288 29.39 0.76 5.81
C THR D 288 29.81 0.15 7.14
N VAL D 289 30.01 -1.16 7.14
CA VAL D 289 30.40 -1.87 8.35
C VAL D 289 31.80 -2.42 8.19
N SER D 290 32.52 -2.46 9.29
CA SER D 290 33.74 -3.24 9.45
C SER D 290 33.62 -4.03 10.72
N TRP D 291 34.28 -5.19 10.76
CA TRP D 291 34.24 -6.06 11.92
C TRP D 291 35.60 -6.03 12.60
N ASN D 292 35.58 -5.86 13.93
CA ASN D 292 36.79 -5.66 14.72
C ASN D 292 37.59 -4.48 14.18
N SER D 293 36.88 -3.43 13.78
CA SER D 293 37.45 -2.25 13.11
C SER D 293 38.29 -2.64 11.89
N GLY D 294 37.98 -3.78 11.29
CA GLY D 294 38.63 -4.21 10.06
C GLY D 294 39.59 -5.37 10.21
N ALA D 295 39.72 -5.95 11.41
CA ALA D 295 40.72 -7.00 11.62
C ALA D 295 40.43 -8.24 10.76
N LEU D 296 39.16 -8.64 10.67
CA LEU D 296 38.76 -9.80 9.89
C LEU D 296 37.96 -9.36 8.68
N THR D 297 38.31 -9.92 7.51
CA THR D 297 37.64 -9.57 6.27
C THR D 297 37.07 -10.75 5.51
N SER D 298 37.63 -11.95 5.66
CA SER D 298 37.20 -13.13 4.92
C SER D 298 36.06 -13.81 5.68
N GLY D 299 34.95 -14.04 4.98
CA GLY D 299 33.75 -14.57 5.57
C GLY D 299 32.69 -13.54 5.86
N VAL D 300 33.01 -12.26 5.72
CA VAL D 300 32.06 -11.19 5.98
C VAL D 300 31.18 -10.98 4.76
N HIS D 301 29.89 -10.76 4.98
CA HIS D 301 28.92 -10.50 3.93
C HIS D 301 28.06 -9.32 4.37
N THR D 302 28.25 -8.17 3.73
CA THR D 302 27.43 -7.00 4.01
C THR D 302 26.39 -6.86 2.91
N PHE D 303 25.13 -6.93 3.28
CA PHE D 303 24.09 -6.99 2.27
C PHE D 303 23.66 -5.60 1.83
N PRO D 304 23.15 -5.49 0.61
CA PRO D 304 22.56 -4.22 0.16
C PRO D 304 21.43 -3.78 1.07
N ALA D 305 21.35 -2.47 1.29
CA ALA D 305 20.26 -1.92 2.09
C ALA D 305 18.93 -2.14 1.39
N VAL D 306 17.85 -2.04 2.17
CA VAL D 306 16.50 -2.19 1.66
C VAL D 306 15.72 -0.94 2.05
N LEU D 307 14.80 -0.54 1.18
CA LEU D 307 13.93 0.60 1.44
C LEU D 307 12.65 0.10 2.09
N GLN D 308 12.47 0.44 3.36
CA GLN D 308 11.23 0.09 4.06
C GLN D 308 10.08 0.98 3.61
N SER D 309 8.86 0.54 3.92
CA SER D 309 7.68 1.35 3.61
C SER D 309 7.63 2.62 4.44
N SER D 310 8.40 2.70 5.52
CA SER D 310 8.53 3.92 6.32
C SER D 310 9.38 4.99 5.65
N GLY D 311 9.96 4.70 4.49
CA GLY D 311 10.90 5.61 3.87
C GLY D 311 12.31 5.54 4.42
N LEU D 312 12.57 4.68 5.38
CA LEU D 312 13.88 4.56 5.99
C LEU D 312 14.58 3.30 5.48
N TYR D 313 15.90 3.34 5.45
CA TYR D 313 16.69 2.23 4.96
C TYR D 313 17.13 1.33 6.11
N SER D 314 17.48 0.09 5.76
CA SER D 314 17.95 -0.89 6.74
C SER D 314 18.71 -1.99 6.02
N LEU D 315 19.78 -2.46 6.64
CA LEU D 315 20.56 -3.56 6.08
C LEU D 315 21.19 -4.36 7.21
N SER D 316 21.83 -5.47 6.83
CA SER D 316 22.45 -6.38 7.78
C SER D 316 23.81 -6.80 7.26
N SER D 317 24.72 -7.05 8.19
CA SER D 317 26.04 -7.58 7.86
C SER D 317 26.30 -8.81 8.70
N VAL D 318 26.64 -9.91 8.06
CA VAL D 318 26.88 -11.18 8.72
C VAL D 318 28.34 -11.56 8.54
N VAL D 319 28.75 -12.57 9.31
CA VAL D 319 30.06 -13.18 9.14
C VAL D 319 30.00 -14.56 9.78
N THR D 320 30.60 -15.53 9.09
CA THR D 320 30.67 -16.90 9.56
C THR D 320 32.01 -17.14 10.23
N VAL D 321 31.97 -17.84 11.35
CA VAL D 321 33.13 -18.08 12.20
C VAL D 321 33.34 -19.59 12.33
N PRO D 322 34.57 -20.05 12.49
CA PRO D 322 34.77 -21.40 13.03
C PRO D 322 34.12 -21.46 14.41
N SER D 323 33.43 -22.56 14.68
CA SER D 323 32.75 -22.72 15.95
C SER D 323 33.73 -22.82 17.11
N SER D 324 35.03 -22.75 16.81
CA SER D 324 36.07 -22.77 17.84
C SER D 324 36.27 -21.42 18.51
N SER D 325 35.74 -20.33 17.94
CA SER D 325 36.00 -18.98 18.44
C SER D 325 34.82 -18.42 19.22
N LEU D 326 34.11 -19.26 19.96
CA LEU D 326 32.92 -18.78 20.67
C LEU D 326 33.30 -17.85 21.82
N GLY D 327 34.08 -18.36 22.78
CA GLY D 327 34.39 -17.63 23.99
C GLY D 327 35.70 -16.87 23.91
N THR D 328 36.63 -17.36 23.09
CA THR D 328 37.94 -16.73 22.99
C THR D 328 37.86 -15.35 22.38
N GLN D 329 37.39 -15.27 21.13
CA GLN D 329 37.44 -14.02 20.37
C GLN D 329 36.18 -13.19 20.59
N THR D 330 36.37 -11.89 20.71
CA THR D 330 35.28 -10.93 20.86
C THR D 330 34.96 -10.32 19.51
N TYR D 331 33.69 -10.31 19.13
CA TYR D 331 33.25 -9.85 17.83
C TYR D 331 32.48 -8.55 17.98
N ILE D 332 33.03 -7.47 17.43
CA ILE D 332 32.40 -6.15 17.46
C ILE D 332 32.23 -5.67 16.03
N CYS D 333 31.05 -5.15 15.72
CA CYS D 333 30.80 -4.50 14.45
C CYS D 333 30.76 -2.99 14.64
N ASN D 334 31.26 -2.29 13.62
CA ASN D 334 31.41 -0.84 13.61
C ASN D 334 30.55 -0.27 12.51
N VAL D 335 29.59 0.57 12.88
CA VAL D 335 28.60 1.12 11.96
C VAL D 335 28.78 2.63 11.90
N ASN D 336 28.83 3.18 10.69
CA ASN D 336 28.99 4.62 10.51
C ASN D 336 27.93 5.15 9.56
N HIS D 337 27.20 6.17 10.01
CA HIS D 337 26.28 6.96 9.20
C HIS D 337 26.69 8.42 9.36
N LYS D 338 27.57 8.85 8.45
CA LYS D 338 28.05 10.23 8.47
C LYS D 338 27.00 11.28 8.08
N PRO D 339 25.92 10.98 7.32
CA PRO D 339 24.83 11.96 7.17
C PRO D 339 24.30 12.49 8.50
N SER D 340 24.49 11.73 9.58
CA SER D 340 24.15 12.17 10.91
C SER D 340 25.35 12.14 11.85
N ASN D 341 26.55 11.82 11.33
CA ASN D 341 27.76 11.64 12.14
C ASN D 341 27.49 10.75 13.35
N THR D 342 26.94 9.56 13.07
CA THR D 342 26.63 8.57 14.09
C THR D 342 27.47 7.33 13.82
N LYS D 343 28.45 7.09 14.67
CA LYS D 343 29.27 5.89 14.63
C LYS D 343 29.02 5.10 15.90
N VAL D 344 28.48 3.89 15.75
CA VAL D 344 28.12 3.03 16.88
C VAL D 344 28.84 1.71 16.73
N ASP D 345 29.43 1.22 17.82
CA ASP D 345 30.08 -0.08 17.89
C ASP D 345 29.26 -0.98 18.79
N LYS D 346 29.02 -2.21 18.34
CA LYS D 346 28.27 -3.17 19.14
C LYS D 346 28.87 -4.55 19.01
N LYS D 347 29.05 -5.24 20.14
CA LYS D 347 29.60 -6.58 20.13
C LYS D 347 28.49 -7.62 20.13
N ALA D 348 28.71 -8.72 19.41
CA ALA D 348 27.75 -9.80 19.28
C ALA D 348 28.24 -11.02 20.05
N GLU D 349 27.41 -11.52 20.96
CA GLU D 349 27.71 -12.66 21.79
C GLU D 349 26.51 -13.59 21.79
N PRO D 350 26.71 -14.88 22.13
CA PRO D 350 25.58 -15.83 22.14
C PRO D 350 24.82 -15.77 23.45
N LYS D 351 23.52 -15.49 23.37
CA LYS D 351 22.66 -15.39 24.55
C LYS D 351 22.58 -16.71 25.29
#